data_3TLE
#
_entry.id   3TLE
#
_cell.length_a   54.359
_cell.length_b   85.810
_cell.length_c   73.006
_cell.angle_alpha   90.00
_cell.angle_beta   101.26
_cell.angle_gamma   90.00
#
_symmetry.space_group_name_H-M   'P 1 21 1'
#
loop_
_entity.id
_entity.type
_entity.pdbx_description
1 polymer MccF
2 non-polymer "O5'-(L-GLUTAMYL-SULFAMOYL)-ADENOSINE"
3 non-polymer 1,2-ETHANEDIOL
4 water water
#
_entity_poly.entity_id   1
_entity_poly.type   'polypeptide(L)'
_entity_poly.pdbx_seq_one_letter_code
;MGHHHHHHHHHHHHSSGHIDDDDKHMLEMIQSHPLLAAPLAVGDTIGFFSSSAPATVTAKNRFFRGVEFLQRKGFKLVSG
KLTGKTDFYRSGTIKERAQEFNELVYNPDITCIMSTIGGDNSNSLLPFLDYDAIIANPKIIIGYSDTTALLAGIYAKTGL
ITFYGPALIPSFGEHPPLVDITYESFIKILTRKQSGIYTYTLPEKWSDESINWNENKILRPKKLYKNNCAFYGSGKVEGR
VIGGNLNTLTGIWGSEWMPEIRNGDILFIEDSRKSIATVERLFSMLKLNRVFDKVSAIILGKHELFDCAGSKRRPYEVLT
EVLDGKQIPVLDGFDCSHTHPMLTLPLGVKLAIDFDNKNISITEQYLSTEK
;
_entity_poly.pdbx_strand_id   A,B
#
loop_
_chem_comp.id
_chem_comp.type
_chem_comp.name
_chem_comp.formula
EDO non-polymer 1,2-ETHANEDIOL 'C2 H6 O2'
#
# COMPACT_ATOMS: atom_id res chain seq x y z
N PRO A 34 21.90 -7.81 -19.74
CA PRO A 34 21.03 -6.66 -19.54
C PRO A 34 21.23 -5.57 -20.58
N LEU A 35 20.19 -4.75 -20.77
CA LEU A 35 20.27 -3.59 -21.65
C LEU A 35 20.93 -2.44 -20.91
N LEU A 36 21.97 -1.87 -21.51
CA LEU A 36 22.76 -0.82 -20.86
C LEU A 36 22.72 0.50 -21.61
N ALA A 37 22.54 1.58 -20.85
CA ALA A 37 22.58 2.93 -21.39
C ALA A 37 24.02 3.41 -21.54
N ALA A 38 24.22 4.42 -22.38
CA ALA A 38 25.52 5.07 -22.51
C ALA A 38 25.84 5.85 -21.24
N PRO A 39 27.13 5.90 -20.84
CA PRO A 39 27.51 6.64 -19.64
C PRO A 39 27.25 8.14 -19.78
N LEU A 40 27.04 8.80 -18.65
CA LEU A 40 26.88 10.24 -18.62
C LEU A 40 28.23 10.92 -18.79
N ALA A 41 28.22 12.11 -19.36
CA ALA A 41 29.39 12.97 -19.43
C ALA A 41 29.00 14.38 -19.04
N VAL A 42 29.92 15.08 -18.37
CA VAL A 42 29.73 16.50 -18.09
C VAL A 42 29.48 17.22 -19.42
N GLY A 43 28.42 18.03 -19.46
CA GLY A 43 28.04 18.73 -20.68
C GLY A 43 26.85 18.10 -21.40
N ASP A 44 26.47 16.90 -20.98
CA ASP A 44 25.32 16.19 -21.56
C ASP A 44 24.01 16.91 -21.25
N THR A 45 22.96 16.52 -21.98
CA THR A 45 21.62 17.05 -21.74
C THR A 45 20.82 16.10 -20.86
N ILE A 46 20.26 16.65 -19.79
CA ILE A 46 19.39 15.92 -18.87
C ILE A 46 17.96 16.43 -19.06
N GLY A 47 17.04 15.51 -19.32
CA GLY A 47 15.63 15.86 -19.39
C GLY A 47 14.92 15.49 -18.11
N PHE A 48 14.01 16.35 -17.65
CA PHE A 48 13.26 16.03 -16.44
C PHE A 48 11.75 15.98 -16.64
N PHE A 49 11.11 15.11 -15.87
CA PHE A 49 9.69 14.83 -16.00
C PHE A 49 9.03 14.77 -14.62
N SER A 50 7.73 15.07 -14.59
CA SER A 50 6.96 15.01 -13.36
C SER A 50 5.86 13.96 -13.48
N SER A 51 6.15 12.74 -13.06
CA SER A 51 5.23 11.62 -13.23
C SER A 51 4.17 11.53 -12.13
N SER A 52 4.25 12.40 -11.13
CA SER A 52 3.27 12.42 -10.05
C SER A 52 3.03 13.83 -9.50
N ALA A 53 3.63 14.16 -8.36
CA ALA A 53 3.40 15.46 -7.72
C ALA A 53 3.92 16.63 -8.55
N PRO A 54 3.14 17.73 -8.64
CA PRO A 54 3.53 18.88 -9.46
C PRO A 54 4.49 19.85 -8.74
N ALA A 55 5.62 19.33 -8.28
CA ALA A 55 6.51 20.11 -7.43
C ALA A 55 7.32 21.22 -8.12
N THR A 56 7.34 21.24 -9.44
CA THR A 56 7.94 22.38 -10.17
C THR A 56 7.11 23.65 -9.89
N VAL A 57 5.88 23.46 -9.45
CA VAL A 57 5.01 24.55 -9.02
C VAL A 57 4.99 24.68 -7.50
N THR A 58 4.71 23.59 -6.80
CA THR A 58 4.51 23.64 -5.35
C THR A 58 5.81 23.77 -4.54
N ALA A 59 6.93 23.45 -5.17
CA ALA A 59 8.25 23.65 -4.57
C ALA A 59 9.17 24.38 -5.56
N LYS A 60 8.67 25.49 -6.09
CA LYS A 60 9.33 26.23 -7.16
C LYS A 60 10.73 26.74 -6.79
N ASN A 61 10.89 27.22 -5.57
CA ASN A 61 12.18 27.71 -5.09
C ASN A 61 13.24 26.61 -5.10
N ARG A 62 12.88 25.45 -4.54
CA ARG A 62 13.79 24.30 -4.51
C ARG A 62 14.07 23.76 -5.91
N PHE A 63 13.04 23.74 -6.75
CA PHE A 63 13.16 23.36 -8.15
C PHE A 63 14.20 24.23 -8.87
N PHE A 64 14.08 25.55 -8.73
CA PHE A 64 15.04 26.48 -9.33
C PHE A 64 16.47 26.28 -8.81
N ARG A 65 16.61 25.98 -7.52
CA ARG A 65 17.92 25.66 -6.94
C ARG A 65 18.53 24.42 -7.59
N GLY A 66 17.71 23.39 -7.80
CA GLY A 66 18.15 22.15 -8.46
C GLY A 66 18.59 22.39 -9.89
N VAL A 67 17.78 23.15 -10.62
CA VAL A 67 18.09 23.53 -11.99
C VAL A 67 19.43 24.27 -12.06
N GLU A 68 19.58 25.30 -11.22
CA GLU A 68 20.80 26.10 -11.18
C GLU A 68 22.02 25.27 -10.79
N PHE A 69 21.85 24.37 -9.82
CA PHE A 69 22.92 23.49 -9.37
C PHE A 69 23.50 22.66 -10.53
N LEU A 70 22.64 21.99 -11.28
CA LEU A 70 23.09 21.12 -12.37
C LEU A 70 23.62 21.91 -13.56
N GLN A 71 23.02 23.07 -13.84
CA GLN A 71 23.50 23.96 -14.90
C GLN A 71 24.92 24.47 -14.62
N ARG A 72 25.19 24.80 -13.36
CA ARG A 72 26.51 25.26 -12.93
C ARG A 72 27.57 24.16 -13.09
N LYS A 73 27.15 22.91 -12.99
CA LYS A 73 28.03 21.76 -13.23
C LYS A 73 28.34 21.55 -14.71
N GLY A 74 27.59 22.25 -15.58
CA GLY A 74 27.84 22.21 -17.02
C GLY A 74 26.78 21.48 -17.82
N PHE A 75 25.76 20.95 -17.15
CA PHE A 75 24.71 20.20 -17.82
C PHE A 75 23.68 21.11 -18.49
N LYS A 76 23.19 20.68 -19.65
CA LYS A 76 22.07 21.32 -20.31
C LYS A 76 20.80 20.61 -19.83
N LEU A 77 19.75 21.38 -19.58
CA LEU A 77 18.50 20.81 -19.09
C LEU A 77 17.33 21.03 -20.03
N VAL A 78 16.58 19.97 -20.29
CA VAL A 78 15.35 20.04 -21.06
C VAL A 78 14.17 19.79 -20.11
N SER A 79 13.28 20.76 -20.04
CA SER A 79 12.10 20.67 -19.18
C SER A 79 11.00 19.85 -19.86
N GLY A 80 10.50 18.84 -19.15
CA GLY A 80 9.36 18.07 -19.62
C GLY A 80 8.14 18.97 -19.79
N LYS A 81 7.23 18.56 -20.67
CA LYS A 81 6.11 19.41 -21.06
C LYS A 81 5.11 19.73 -19.94
N LEU A 82 5.19 19.02 -18.82
CA LEU A 82 4.31 19.28 -17.69
C LEU A 82 4.93 20.17 -16.61
N THR A 83 6.16 20.63 -16.87
CA THR A 83 6.81 21.59 -15.97
C THR A 83 5.96 22.85 -15.87
N GLY A 84 5.68 23.28 -14.64
CA GLY A 84 4.88 24.48 -14.41
C GLY A 84 3.37 24.26 -14.48
N LYS A 85 2.95 23.01 -14.65
CA LYS A 85 1.52 22.68 -14.72
C LYS A 85 1.04 22.03 -13.42
N THR A 86 -0.24 22.19 -13.12
CA THR A 86 -0.87 21.52 -11.97
C THR A 86 -2.23 20.96 -12.31
N ASP A 87 -2.48 19.74 -11.85
CA ASP A 87 -3.81 19.17 -11.82
C ASP A 87 -4.08 18.74 -10.37
N PHE A 88 -4.12 19.75 -9.49
CA PHE A 88 -4.31 19.56 -8.05
C PHE A 88 -3.20 18.72 -7.42
N TYR A 89 -3.43 17.41 -7.29
CA TYR A 89 -2.49 16.51 -6.63
C TYR A 89 -1.41 15.94 -7.55
N ARG A 90 -1.56 16.18 -8.85
CA ARG A 90 -0.67 15.60 -9.85
C ARG A 90 -0.32 16.64 -10.91
N SER A 91 0.64 16.31 -11.77
CA SER A 91 1.10 17.22 -12.82
C SER A 91 0.17 17.27 -14.02
N GLY A 92 -0.63 16.22 -14.20
CA GLY A 92 -1.55 16.14 -15.32
C GLY A 92 -2.21 14.78 -15.39
N THR A 93 -3.01 14.56 -16.43
CA THR A 93 -3.70 13.28 -16.62
C THR A 93 -2.68 12.13 -16.76
N ILE A 94 -3.16 10.91 -16.56
CA ILE A 94 -2.35 9.71 -16.75
C ILE A 94 -1.67 9.72 -18.11
N LYS A 95 -2.45 9.95 -19.16
CA LYS A 95 -1.94 9.91 -20.52
C LYS A 95 -0.95 11.04 -20.83
N GLU A 96 -1.21 12.23 -20.30
CA GLU A 96 -0.29 13.36 -20.48
C GLU A 96 1.06 13.13 -19.79
N ARG A 97 1.02 12.51 -18.61
CA ARG A 97 2.25 12.18 -17.89
C ARG A 97 3.08 11.12 -18.62
N ALA A 98 2.39 10.13 -19.18
CA ALA A 98 3.06 9.13 -20.01
C ALA A 98 3.69 9.78 -21.24
N GLN A 99 2.96 10.68 -21.89
CA GLN A 99 3.47 11.42 -23.03
C GLN A 99 4.70 12.27 -22.67
N GLU A 100 4.66 12.94 -21.52
CA GLU A 100 5.80 13.74 -21.08
C GLU A 100 7.07 12.91 -21.02
N PHE A 101 6.98 11.73 -20.40
CA PHE A 101 8.10 10.82 -20.28
C PHE A 101 8.56 10.33 -21.65
N ASN A 102 7.61 9.84 -22.45
CA ASN A 102 7.91 9.31 -23.78
C ASN A 102 8.63 10.31 -24.68
N GLU A 103 8.19 11.57 -24.62
CA GLU A 103 8.80 12.63 -25.42
C GLU A 103 10.29 12.84 -25.09
N LEU A 104 10.66 12.62 -23.83
CA LEU A 104 12.06 12.69 -23.43
C LEU A 104 12.86 11.52 -23.99
N VAL A 105 12.23 10.34 -24.04
CA VAL A 105 12.83 9.17 -24.66
C VAL A 105 13.09 9.41 -26.15
N TYR A 106 12.17 10.10 -26.81
CA TYR A 106 12.27 10.36 -28.25
C TYR A 106 13.30 11.42 -28.61
N ASN A 107 13.71 12.23 -27.63
CA ASN A 107 14.68 13.30 -27.85
C ASN A 107 16.10 12.72 -27.96
N PRO A 108 16.72 12.84 -29.15
CA PRO A 108 18.03 12.22 -29.38
C PRO A 108 19.18 12.88 -28.61
N ASP A 109 18.96 14.11 -28.15
CA ASP A 109 19.99 14.86 -27.43
C ASP A 109 20.10 14.49 -25.95
N ILE A 110 19.04 13.87 -25.41
CA ILE A 110 18.97 13.53 -23.99
C ILE A 110 19.72 12.22 -23.68
N THR A 111 20.64 12.28 -22.73
CA THR A 111 21.35 11.07 -22.31
C THR A 111 20.85 10.56 -20.95
N CYS A 112 20.20 11.45 -20.21
CA CYS A 112 19.70 11.12 -18.87
C CYS A 112 18.29 11.69 -18.68
N ILE A 113 17.38 10.82 -18.26
CA ILE A 113 16.01 11.22 -17.95
C ILE A 113 15.83 11.13 -16.44
N MET A 114 15.58 12.29 -15.82
CA MET A 114 15.58 12.43 -14.38
C MET A 114 14.22 12.87 -13.87
N SER A 115 13.72 12.17 -12.84
CA SER A 115 12.50 12.56 -12.16
C SER A 115 12.68 13.92 -11.45
N THR A 116 11.65 14.76 -11.49
CA THR A 116 11.67 15.99 -10.71
C THR A 116 11.42 15.69 -9.23
N ILE A 117 10.46 14.80 -8.97
CA ILE A 117 10.04 14.41 -7.63
C ILE A 117 9.09 13.21 -7.75
N GLY A 118 8.82 12.54 -6.64
CA GLY A 118 7.89 11.42 -6.62
C GLY A 118 6.46 11.87 -6.39
N GLY A 119 5.80 11.20 -5.46
CA GLY A 119 4.39 11.43 -5.18
C GLY A 119 3.71 10.11 -4.87
N ASP A 120 2.75 9.74 -5.70
CA ASP A 120 1.92 8.55 -5.46
C ASP A 120 1.49 7.84 -6.74
N ASN A 121 1.67 8.49 -7.88
CA ASN A 121 0.90 8.13 -9.08
C ASN A 121 1.64 7.68 -10.33
N SER A 122 2.93 7.42 -10.21
CA SER A 122 3.73 6.96 -11.35
C SER A 122 3.25 5.64 -11.93
N ASN A 123 2.72 4.75 -11.09
CA ASN A 123 2.26 3.44 -11.57
C ASN A 123 1.16 3.51 -12.62
N SER A 124 0.39 4.59 -12.60
CA SER A 124 -0.67 4.83 -13.60
C SER A 124 -0.14 4.87 -15.04
N LEU A 125 1.10 5.33 -15.20
CA LEU A 125 1.69 5.55 -16.51
C LEU A 125 2.09 4.26 -17.24
N LEU A 126 2.25 3.19 -16.47
CA LEU A 126 2.91 1.98 -16.99
C LEU A 126 2.31 1.34 -18.25
N PRO A 127 0.97 1.33 -18.40
CA PRO A 127 0.43 0.77 -19.64
C PRO A 127 0.74 1.62 -20.88
N PHE A 128 1.19 2.85 -20.67
CA PHE A 128 1.29 3.84 -21.75
C PHE A 128 2.72 4.28 -22.07
N LEU A 129 3.70 3.75 -21.35
CA LEU A 129 5.09 4.06 -21.64
C LEU A 129 5.53 3.36 -22.92
N ASP A 130 6.41 4.01 -23.67
CA ASP A 130 6.89 3.45 -24.92
C ASP A 130 8.14 2.60 -24.67
N TYR A 131 7.90 1.35 -24.27
CA TYR A 131 8.98 0.42 -23.94
C TYR A 131 9.86 0.08 -25.13
N ASP A 132 9.24 -0.02 -26.30
CA ASP A 132 9.98 -0.28 -27.54
C ASP A 132 10.95 0.85 -27.86
N ALA A 133 10.53 2.10 -27.65
CA ALA A 133 11.40 3.25 -27.85
C ALA A 133 12.55 3.27 -26.84
N ILE A 134 12.28 2.84 -25.61
CA ILE A 134 13.31 2.71 -24.58
C ILE A 134 14.37 1.68 -25.00
N ILE A 135 13.92 0.54 -25.51
CA ILE A 135 14.83 -0.50 -26.01
C ILE A 135 15.68 0.02 -27.18
N ALA A 136 15.03 0.74 -28.09
CA ALA A 136 15.68 1.28 -29.29
C ALA A 136 16.75 2.33 -28.99
N ASN A 137 16.55 3.10 -27.93
CA ASN A 137 17.53 4.10 -27.52
C ASN A 137 17.64 4.18 -26.01
N PRO A 138 18.38 3.24 -25.39
CA PRO A 138 18.52 3.21 -23.95
C PRO A 138 19.18 4.48 -23.40
N LYS A 139 18.59 5.03 -22.35
CA LYS A 139 19.12 6.21 -21.68
C LYS A 139 19.19 5.92 -20.18
N ILE A 140 19.95 6.75 -19.47
CA ILE A 140 19.99 6.69 -18.01
C ILE A 140 18.65 7.23 -17.49
N ILE A 141 17.92 6.37 -16.79
CA ILE A 141 16.66 6.78 -16.16
C ILE A 141 16.89 6.71 -14.66
N ILE A 142 16.64 7.84 -13.99
CA ILE A 142 17.01 7.99 -12.58
C ILE A 142 15.94 8.73 -11.78
N GLY A 143 15.73 8.25 -10.56
CA GLY A 143 14.81 8.87 -9.61
C GLY A 143 14.66 7.93 -8.44
N TYR A 144 13.71 8.22 -7.55
CA TYR A 144 13.46 7.36 -6.41
C TYR A 144 12.03 7.53 -5.91
N SER A 145 11.73 6.92 -4.76
CA SER A 145 10.42 7.04 -4.12
C SER A 145 9.34 6.49 -5.04
N ASP A 146 8.29 7.27 -5.29
CA ASP A 146 7.20 6.84 -6.15
C ASP A 146 7.67 6.43 -7.55
N THR A 147 8.76 7.05 -8.01
CA THR A 147 9.30 6.77 -9.34
C THR A 147 9.79 5.31 -9.47
N THR A 148 9.94 4.63 -8.33
CA THR A 148 10.20 3.19 -8.31
C THR A 148 9.28 2.42 -9.27
N ALA A 149 8.02 2.82 -9.34
CA ALA A 149 7.06 2.15 -10.23
C ALA A 149 7.57 2.15 -11.66
N LEU A 150 8.14 3.28 -12.09
CA LEU A 150 8.70 3.40 -13.43
C LEU A 150 10.02 2.65 -13.59
N LEU A 151 10.91 2.79 -12.61
CA LEU A 151 12.21 2.12 -12.67
C LEU A 151 12.05 0.61 -12.76
N ALA A 152 11.18 0.07 -11.90
CA ALA A 152 10.91 -1.36 -11.86
C ALA A 152 10.13 -1.82 -13.09
N GLY A 153 9.12 -1.04 -13.49
CA GLY A 153 8.30 -1.35 -14.67
C GLY A 153 9.11 -1.38 -15.96
N ILE A 154 9.97 -0.39 -16.13
CA ILE A 154 10.85 -0.32 -17.30
C ILE A 154 11.81 -1.51 -17.34
N TYR A 155 12.43 -1.83 -16.19
CA TYR A 155 13.30 -2.99 -16.09
C TYR A 155 12.56 -4.28 -16.45
N ALA A 156 11.36 -4.44 -15.91
CA ALA A 156 10.54 -5.64 -16.16
C ALA A 156 10.24 -5.82 -17.65
N LYS A 157 9.98 -4.73 -18.35
CA LYS A 157 9.58 -4.79 -19.76
C LYS A 157 10.75 -4.79 -20.76
N THR A 158 11.88 -4.22 -20.36
CA THR A 158 12.98 -3.97 -21.30
C THR A 158 14.32 -4.58 -20.89
N GLY A 159 14.50 -4.84 -19.60
CA GLY A 159 15.78 -5.30 -19.07
C GLY A 159 16.79 -4.17 -18.91
N LEU A 160 16.35 -2.93 -19.11
CA LEU A 160 17.23 -1.77 -18.96
C LEU A 160 17.65 -1.58 -17.51
N ILE A 161 18.94 -1.38 -17.31
CA ILE A 161 19.46 -1.06 -15.99
C ILE A 161 19.21 0.41 -15.71
N THR A 162 18.29 0.65 -14.78
CA THR A 162 17.90 2.00 -14.36
C THR A 162 18.52 2.28 -13.00
N PHE A 163 18.31 3.49 -12.48
CA PHE A 163 19.06 3.95 -11.32
C PHE A 163 18.17 4.49 -10.21
N TYR A 164 18.35 3.94 -9.02
CA TYR A 164 17.76 4.51 -7.82
C TYR A 164 18.72 5.60 -7.35
N GLY A 165 18.28 6.83 -7.48
CA GLY A 165 19.15 7.96 -7.22
C GLY A 165 18.41 9.29 -7.28
N PRO A 166 19.17 10.39 -7.37
CA PRO A 166 18.66 11.75 -7.32
C PRO A 166 17.47 12.08 -8.20
N ALA A 167 16.48 12.73 -7.59
CA ALA A 167 15.45 13.45 -8.32
C ALA A 167 15.79 14.93 -8.23
N LEU A 168 15.48 15.68 -9.29
CA LEU A 168 15.93 17.07 -9.42
C LEU A 168 15.62 17.94 -8.20
N ILE A 169 14.36 17.92 -7.77
CA ILE A 169 13.90 18.82 -6.72
C ILE A 169 14.39 18.43 -5.31
N PRO A 170 14.02 17.22 -4.83
CA PRO A 170 14.47 16.90 -3.46
C PRO A 170 15.99 16.72 -3.34
N SER A 171 16.62 16.13 -4.35
CA SER A 171 18.04 15.78 -4.24
C SER A 171 18.98 16.92 -4.59
N PHE A 172 18.75 17.57 -5.72
CA PHE A 172 19.65 18.63 -6.16
C PHE A 172 19.23 20.04 -5.75
N GLY A 173 18.03 20.17 -5.21
CA GLY A 173 17.57 21.42 -4.61
C GLY A 173 17.96 21.52 -3.14
N GLU A 174 18.57 20.47 -2.62
CA GLU A 174 19.11 20.43 -1.27
C GLU A 174 20.24 21.45 -1.14
N HIS A 175 20.31 22.13 0.00
CA HIS A 175 21.40 23.07 0.26
C HIS A 175 22.71 22.35 0.53
N PRO A 176 23.85 22.99 0.19
CA PRO A 176 25.14 22.50 0.66
C PRO A 176 25.14 22.44 2.19
N PRO A 177 25.97 21.55 2.78
CA PRO A 177 26.97 20.70 2.16
C PRO A 177 26.48 19.35 1.63
N LEU A 178 25.28 18.94 2.03
CA LEU A 178 24.79 17.59 1.74
C LEU A 178 24.58 17.31 0.25
N VAL A 179 24.14 18.32 -0.49
CA VAL A 179 23.94 18.20 -1.94
C VAL A 179 25.23 17.83 -2.67
N ASP A 180 26.36 18.31 -2.16
CA ASP A 180 27.67 18.04 -2.78
C ASP A 180 28.05 16.57 -2.70
N ILE A 181 27.71 15.93 -1.59
CA ILE A 181 27.97 14.50 -1.41
C ILE A 181 27.05 13.67 -2.32
N THR A 182 25.78 14.06 -2.40
CA THR A 182 24.84 13.47 -3.34
C THR A 182 25.37 13.56 -4.77
N TYR A 183 25.82 14.75 -5.16
CA TYR A 183 26.35 14.96 -6.50
C TYR A 183 27.59 14.11 -6.79
N GLU A 184 28.50 14.04 -5.81
CA GLU A 184 29.73 13.25 -5.96
C GLU A 184 29.44 11.80 -6.32
N SER A 185 28.44 11.21 -5.66
CA SER A 185 28.03 9.83 -5.96
C SER A 185 27.40 9.72 -7.35
N PHE A 186 26.46 10.63 -7.63
CA PHE A 186 25.78 10.72 -8.92
C PHE A 186 26.78 10.74 -10.07
N ILE A 187 27.75 11.65 -10.00
CA ILE A 187 28.72 11.82 -11.08
C ILE A 187 29.72 10.66 -11.16
N LYS A 188 30.15 10.14 -10.01
CA LYS A 188 31.07 9.01 -9.97
C LYS A 188 30.45 7.77 -10.61
N ILE A 189 29.25 7.40 -10.16
CA ILE A 189 28.57 6.21 -10.65
C ILE A 189 28.30 6.28 -12.16
N LEU A 190 27.83 7.44 -12.62
CA LEU A 190 27.37 7.56 -14.00
C LEU A 190 28.44 7.90 -15.04
N THR A 191 29.61 8.35 -14.59
CA THR A 191 30.68 8.72 -15.53
C THR A 191 31.93 7.81 -15.50
N ARG A 192 32.09 7.04 -14.43
CA ARG A 192 33.29 6.20 -14.27
C ARG A 192 33.45 5.15 -15.37
N LYS A 193 34.70 4.77 -15.62
CA LYS A 193 35.00 3.69 -16.55
C LYS A 193 34.48 2.37 -15.99
N GLN A 194 33.92 1.54 -16.86
CA GLN A 194 33.34 0.26 -16.47
C GLN A 194 34.43 -0.82 -16.44
N SER A 195 35.40 -0.63 -15.54
CA SER A 195 36.50 -1.57 -15.35
C SER A 195 36.70 -1.84 -13.87
N GLY A 196 36.62 -3.11 -13.50
CA GLY A 196 36.72 -3.53 -12.11
C GLY A 196 35.48 -3.16 -11.31
N ILE A 197 35.42 -3.66 -10.09
CA ILE A 197 34.29 -3.39 -9.19
C ILE A 197 34.31 -1.94 -8.72
N TYR A 198 33.15 -1.42 -8.32
CA TYR A 198 33.08 -0.13 -7.66
C TYR A 198 32.61 -0.31 -6.22
N THR A 199 33.42 0.15 -5.27
CA THR A 199 33.07 0.09 -3.86
C THR A 199 32.63 1.45 -3.36
N TYR A 200 31.43 1.49 -2.77
CA TYR A 200 30.84 2.73 -2.27
C TYR A 200 31.61 3.35 -1.12
N THR A 201 31.65 4.67 -1.10
CA THR A 201 32.17 5.44 0.03
C THR A 201 31.02 5.89 0.90
N LEU A 202 31.05 5.46 2.16
CA LEU A 202 30.03 5.77 3.15
C LEU A 202 30.08 7.25 3.53
N PRO A 203 28.95 7.97 3.39
CA PRO A 203 28.90 9.37 3.84
C PRO A 203 29.21 9.48 5.34
N GLU A 204 30.04 10.45 5.69
CA GLU A 204 30.46 10.63 7.08
C GLU A 204 29.29 11.05 7.97
N LYS A 205 28.47 11.97 7.45
CA LYS A 205 27.31 12.48 8.19
C LYS A 205 26.07 12.51 7.29
N TRP A 206 24.89 12.49 7.92
CA TRP A 206 23.62 12.45 7.20
C TRP A 206 22.54 13.18 8.01
N SER A 207 21.41 13.45 7.35
CA SER A 207 20.26 14.06 8.02
C SER A 207 18.94 13.65 7.39
N ASP A 208 17.89 13.68 8.21
CA ASP A 208 16.52 13.52 7.72
C ASP A 208 15.61 14.65 8.23
N GLU A 209 16.22 15.70 8.79
CA GLU A 209 15.47 16.81 9.38
C GLU A 209 14.60 17.53 8.35
N SER A 210 13.34 17.73 8.71
CA SER A 210 12.36 18.35 7.82
C SER A 210 12.38 19.88 7.91
N ILE A 211 13.51 20.46 7.53
CA ILE A 211 13.66 21.92 7.42
C ILE A 211 14.31 22.28 6.09
N ASN A 212 14.34 23.57 5.76
CA ASN A 212 14.98 24.09 4.56
C ASN A 212 14.49 23.39 3.28
N TRP A 213 13.18 23.22 3.17
CA TRP A 213 12.60 22.58 2.00
C TRP A 213 12.45 23.54 0.83
N ASN A 214 11.50 24.46 0.92
CA ASN A 214 11.19 25.38 -0.17
C ASN A 214 11.39 26.85 0.20
N GLU A 215 11.97 27.09 1.38
CA GLU A 215 12.29 28.45 1.82
C GLU A 215 13.42 29.04 0.98
N ASN A 216 13.33 30.34 0.68
CA ASN A 216 14.31 31.02 -0.16
C ASN A 216 15.71 31.04 0.47
N LYS A 217 15.78 31.30 1.77
CA LYS A 217 17.04 31.29 2.49
C LYS A 217 17.01 30.38 3.72
N ILE A 218 18.17 30.20 4.34
CA ILE A 218 18.30 29.33 5.51
C ILE A 218 18.64 30.09 6.79
N LEU A 219 18.03 29.67 7.89
CA LEU A 219 18.34 30.23 9.21
C LEU A 219 19.47 29.44 9.87
N ARG A 220 19.46 28.12 9.65
CA ARG A 220 20.50 27.23 10.16
C ARG A 220 20.63 25.97 9.28
N PRO A 221 21.82 25.34 9.28
CA PRO A 221 21.98 24.05 8.60
C PRO A 221 21.22 22.93 9.31
N LYS A 222 20.95 21.85 8.60
CA LYS A 222 20.29 20.68 9.18
C LYS A 222 21.16 20.03 10.24
N LYS A 223 20.52 19.45 11.25
CA LYS A 223 21.20 18.66 12.26
C LYS A 223 21.87 17.46 11.58
N LEU A 224 23.15 17.25 11.87
CA LEU A 224 23.91 16.18 11.24
C LEU A 224 24.17 15.03 12.21
N TYR A 225 23.92 13.82 11.74
CA TYR A 225 24.12 12.62 12.54
C TYR A 225 25.27 11.79 11.99
N LYS A 226 26.03 11.18 12.90
CA LYS A 226 27.07 10.23 12.49
C LYS A 226 26.42 9.04 11.79
N ASN A 227 27.10 8.52 10.78
CA ASN A 227 26.54 7.40 10.02
C ASN A 227 26.48 6.12 10.87
N ASN A 228 25.26 5.67 11.14
CA ASN A 228 25.02 4.51 11.97
C ASN A 228 24.66 3.26 11.17
N CYS A 229 25.10 3.22 9.91
CA CYS A 229 24.90 2.07 9.04
C CYS A 229 25.52 0.82 9.66
N ALA A 230 24.74 -0.26 9.69
CA ALA A 230 25.18 -1.50 10.33
C ALA A 230 25.13 -2.69 9.38
N PHE A 231 26.14 -3.56 9.49
CA PHE A 231 26.22 -4.78 8.69
C PHE A 231 25.93 -5.99 9.57
N TYR A 232 24.71 -6.52 9.46
CA TYR A 232 24.30 -7.67 10.25
C TYR A 232 24.49 -8.95 9.44
N GLY A 233 25.61 -9.64 9.69
CA GLY A 233 25.91 -10.88 9.00
C GLY A 233 27.40 -11.13 8.91
N SER A 234 27.76 -12.21 8.22
CA SER A 234 29.15 -12.59 8.04
C SER A 234 29.42 -13.00 6.59
N GLY A 235 30.70 -12.97 6.21
CA GLY A 235 31.11 -13.35 4.87
C GLY A 235 30.74 -12.34 3.81
N LYS A 236 30.74 -12.79 2.56
CA LYS A 236 30.40 -11.96 1.42
C LYS A 236 29.17 -12.52 0.71
N VAL A 237 28.27 -11.63 0.30
CA VAL A 237 27.09 -12.01 -0.45
C VAL A 237 27.08 -11.24 -1.77
N GLU A 238 26.97 -11.98 -2.88
CA GLU A 238 26.90 -11.38 -4.21
C GLU A 238 25.64 -11.84 -4.94
N GLY A 239 24.86 -10.89 -5.42
CA GLY A 239 23.64 -11.19 -6.15
C GLY A 239 23.05 -9.97 -6.82
N ARG A 240 22.15 -10.20 -7.77
CA ARG A 240 21.44 -9.13 -8.48
C ARG A 240 20.59 -8.32 -7.51
N VAL A 241 20.76 -7.01 -7.52
CA VAL A 241 19.95 -6.14 -6.66
C VAL A 241 18.63 -5.79 -7.34
N ILE A 242 17.56 -5.85 -6.56
CA ILE A 242 16.21 -5.60 -7.05
C ILE A 242 15.41 -4.90 -5.94
N GLY A 243 14.56 -3.96 -6.33
CA GLY A 243 13.64 -3.32 -5.39
C GLY A 243 13.50 -1.83 -5.59
N GLY A 244 13.55 -1.09 -4.49
CA GLY A 244 13.33 0.35 -4.49
C GLY A 244 12.48 0.75 -3.30
N ASN A 245 11.59 1.73 -3.51
CA ASN A 245 10.68 2.15 -2.47
C ASN A 245 9.61 1.08 -2.25
N LEU A 246 9.60 0.49 -1.05
CA LEU A 246 8.75 -0.67 -0.79
C LEU A 246 7.26 -0.36 -0.87
N ASN A 247 6.85 0.75 -0.25
CA ASN A 247 5.45 1.15 -0.32
C ASN A 247 4.98 1.33 -1.76
N THR A 248 5.85 1.90 -2.59
CA THR A 248 5.53 2.11 -4.00
C THR A 248 5.37 0.78 -4.75
N LEU A 249 6.17 -0.22 -4.39
CA LEU A 249 6.10 -1.53 -5.04
C LEU A 249 4.71 -2.17 -4.93
N THR A 250 3.96 -1.83 -3.89
CA THR A 250 2.60 -2.36 -3.74
C THR A 250 1.68 -1.95 -4.89
N GLY A 251 2.00 -0.84 -5.55
CA GLY A 251 1.20 -0.34 -6.67
C GLY A 251 1.40 -1.08 -7.98
N ILE A 252 2.45 -1.90 -8.06
CA ILE A 252 2.74 -2.68 -9.27
C ILE A 252 2.79 -4.19 -8.98
N TRP A 253 2.72 -4.54 -7.70
CA TRP A 253 2.85 -5.92 -7.27
C TRP A 253 1.84 -6.85 -7.95
N GLY A 254 2.31 -8.03 -8.33
CA GLY A 254 1.47 -9.04 -8.98
C GLY A 254 1.31 -8.86 -10.48
N SER A 255 1.70 -7.69 -10.99
CA SER A 255 1.53 -7.37 -12.41
C SER A 255 2.77 -7.72 -13.23
N GLU A 256 2.62 -7.64 -14.55
CA GLU A 256 3.74 -7.89 -15.47
C GLU A 256 4.83 -6.83 -15.36
N TRP A 257 4.54 -5.72 -14.66
CA TRP A 257 5.51 -4.65 -14.45
C TRP A 257 6.34 -4.80 -13.19
N MET A 258 5.98 -5.76 -12.34
CA MET A 258 6.82 -6.08 -11.19
C MET A 258 7.85 -7.12 -11.61
N PRO A 259 9.15 -6.74 -11.60
CA PRO A 259 10.16 -7.73 -11.98
C PRO A 259 10.15 -8.90 -11.01
N GLU A 260 10.27 -10.11 -11.54
CA GLU A 260 10.31 -11.31 -10.72
C GLU A 260 11.56 -11.31 -9.84
N ILE A 261 11.35 -11.49 -8.54
CA ILE A 261 12.45 -11.69 -7.60
C ILE A 261 12.86 -13.16 -7.69
N ARG A 262 14.16 -13.38 -7.87
CA ARG A 262 14.69 -14.71 -8.13
C ARG A 262 15.64 -15.15 -7.02
N ASN A 263 15.80 -16.46 -6.89
CA ASN A 263 16.78 -17.06 -5.99
C ASN A 263 18.14 -16.37 -6.15
N GLY A 264 18.68 -15.89 -5.04
CA GLY A 264 19.99 -15.25 -5.03
C GLY A 264 20.00 -13.73 -5.07
N ASP A 265 18.84 -13.12 -5.36
CA ASP A 265 18.71 -11.67 -5.41
C ASP A 265 19.05 -11.02 -4.09
N ILE A 266 19.63 -9.82 -4.16
CA ILE A 266 19.73 -8.95 -3.00
C ILE A 266 18.55 -7.99 -3.06
N LEU A 267 17.71 -8.01 -2.02
CA LEU A 267 16.56 -7.12 -1.98
C LEU A 267 16.95 -5.77 -1.40
N PHE A 268 16.75 -4.73 -2.20
CA PHE A 268 16.94 -3.35 -1.74
C PHE A 268 15.58 -2.72 -1.52
N ILE A 269 15.35 -2.23 -0.30
CA ILE A 269 14.09 -1.57 0.04
C ILE A 269 14.34 -0.36 0.94
N GLU A 270 13.60 0.70 0.67
CA GLU A 270 13.59 1.87 1.54
C GLU A 270 12.19 2.44 1.62
N ASP A 271 11.88 3.11 2.73
CA ASP A 271 10.62 3.81 2.89
C ASP A 271 10.86 5.14 3.61
N SER A 272 9.85 6.00 3.57
CA SER A 272 9.94 7.34 4.13
C SER A 272 8.72 7.70 4.95
N ARG A 273 8.96 8.28 6.12
CA ARG A 273 7.92 8.87 6.98
C ARG A 273 6.77 7.92 7.31
N LYS A 274 7.09 6.63 7.45
CA LYS A 274 6.06 5.65 7.75
C LYS A 274 5.98 5.34 9.23
N SER A 275 4.80 4.93 9.66
CA SER A 275 4.61 4.38 10.99
C SER A 275 5.19 2.97 11.03
N ILE A 276 5.61 2.55 12.22
CA ILE A 276 6.03 1.18 12.47
C ILE A 276 4.94 0.17 12.05
N ALA A 277 3.67 0.57 12.19
CA ALA A 277 2.54 -0.26 11.78
C ALA A 277 2.59 -0.57 10.28
N THR A 278 2.82 0.47 9.48
CA THR A 278 2.94 0.32 8.02
C THR A 278 4.16 -0.53 7.65
N VAL A 279 5.27 -0.30 8.34
CA VAL A 279 6.51 -1.04 8.10
C VAL A 279 6.31 -2.55 8.36
N GLU A 280 5.65 -2.90 9.47
CA GLU A 280 5.33 -4.31 9.72
C GLU A 280 4.47 -4.89 8.60
N ARG A 281 3.47 -4.14 8.16
CA ARG A 281 2.57 -4.58 7.10
C ARG A 281 3.33 -4.89 5.81
N LEU A 282 4.23 -3.99 5.43
CA LEU A 282 5.01 -4.14 4.20
C LEU A 282 6.02 -5.30 4.27
N PHE A 283 6.68 -5.46 5.42
CA PHE A 283 7.57 -6.59 5.63
C PHE A 283 6.83 -7.92 5.60
N SER A 284 5.65 -7.96 6.22
CA SER A 284 4.83 -9.18 6.20
C SER A 284 4.32 -9.49 4.80
N MET A 285 4.01 -8.46 4.01
CA MET A 285 3.65 -8.66 2.60
C MET A 285 4.74 -9.43 1.88
N LEU A 286 5.98 -9.00 2.05
CA LEU A 286 7.14 -9.68 1.46
C LEU A 286 7.23 -11.13 1.94
N LYS A 287 7.04 -11.33 3.25
CA LYS A 287 7.07 -12.68 3.82
C LYS A 287 6.02 -13.60 3.18
N LEU A 288 4.78 -13.09 3.09
CA LEU A 288 3.68 -13.87 2.50
C LEU A 288 3.97 -14.24 1.06
N ASN A 289 4.68 -13.37 0.36
CA ASN A 289 5.06 -13.61 -1.04
C ASN A 289 6.29 -14.49 -1.23
N ARG A 290 6.78 -15.08 -0.15
CA ARG A 290 7.93 -16.00 -0.16
C ARG A 290 9.23 -15.33 -0.60
N VAL A 291 9.28 -14.00 -0.49
CA VAL A 291 10.46 -13.23 -0.88
C VAL A 291 11.68 -13.60 -0.04
N PHE A 292 11.45 -13.82 1.25
CA PHE A 292 12.54 -14.11 2.18
C PHE A 292 13.10 -15.53 2.04
N ASP A 293 12.45 -16.34 1.22
CA ASP A 293 12.95 -17.68 0.86
C ASP A 293 13.92 -17.62 -0.32
N LYS A 294 13.94 -16.47 -1.01
CA LYS A 294 14.69 -16.31 -2.25
C LYS A 294 15.94 -15.44 -2.11
N VAL A 295 15.86 -14.42 -1.25
CA VAL A 295 16.91 -13.40 -1.21
C VAL A 295 18.16 -13.85 -0.45
N SER A 296 19.32 -13.42 -0.94
CA SER A 296 20.59 -13.76 -0.31
C SER A 296 20.99 -12.73 0.74
N ALA A 297 20.45 -11.52 0.62
CA ALA A 297 20.67 -10.43 1.57
C ALA A 297 19.59 -9.38 1.39
N ILE A 298 19.46 -8.52 2.39
CA ILE A 298 18.54 -7.39 2.33
C ILE A 298 19.30 -6.10 2.61
N ILE A 299 19.07 -5.09 1.79
CA ILE A 299 19.57 -3.74 2.06
C ILE A 299 18.39 -2.88 2.48
N LEU A 300 18.46 -2.35 3.70
CA LEU A 300 17.48 -1.36 4.16
C LEU A 300 18.06 0.03 4.02
N GLY A 301 17.44 0.85 3.18
CA GLY A 301 17.80 2.26 3.12
C GLY A 301 17.41 2.94 4.42
N LYS A 302 18.14 3.99 4.79
CA LYS A 302 17.78 4.78 5.96
C LYS A 302 16.34 5.29 5.81
N HIS A 303 15.54 5.08 6.85
CA HIS A 303 14.13 5.45 6.83
C HIS A 303 13.95 6.87 7.34
N GLU A 304 13.63 7.79 6.45
CA GLU A 304 13.42 9.20 6.79
C GLU A 304 12.31 9.37 7.82
N LEU A 305 12.66 9.93 8.98
CA LEU A 305 11.68 10.27 10.02
C LEU A 305 10.70 9.14 10.35
N PHE A 306 11.25 7.96 10.60
CA PHE A 306 10.49 6.78 10.99
C PHE A 306 9.72 7.05 12.29
N ASP A 307 8.45 6.65 12.31
CA ASP A 307 7.59 6.83 13.47
C ASP A 307 7.43 5.49 14.20
N CYS A 308 8.15 5.34 15.30
CA CYS A 308 8.18 4.09 16.06
C CYS A 308 6.99 3.92 17.01
N ALA A 309 6.11 4.93 17.04
CA ALA A 309 4.93 4.95 17.91
C ALA A 309 5.25 4.78 19.40
N GLY A 310 6.42 5.25 19.80
CA GLY A 310 6.85 5.20 21.20
C GLY A 310 7.53 3.90 21.61
N SER A 311 7.58 2.93 20.70
CA SER A 311 8.17 1.62 20.97
C SER A 311 9.70 1.66 21.04
N LYS A 312 10.29 2.69 20.43
CA LYS A 312 11.74 2.86 20.30
C LYS A 312 12.39 1.76 19.43
N ARG A 313 11.55 1.02 18.72
CA ARG A 313 12.01 -0.03 17.81
C ARG A 313 12.37 0.56 16.46
N ARG A 314 13.42 0.01 15.85
CA ARG A 314 13.82 0.40 14.50
C ARG A 314 13.31 -0.64 13.49
N PRO A 315 13.24 -0.26 12.20
CA PRO A 315 12.74 -1.20 11.18
C PRO A 315 13.42 -2.57 11.20
N TYR A 316 14.72 -2.61 11.48
CA TYR A 316 15.45 -3.90 11.55
C TYR A 316 14.86 -4.87 12.57
N GLU A 317 14.45 -4.34 13.72
CA GLU A 317 13.84 -5.17 14.76
C GLU A 317 12.51 -5.75 14.29
N VAL A 318 11.73 -4.95 13.59
CA VAL A 318 10.45 -5.40 13.03
C VAL A 318 10.69 -6.49 11.98
N LEU A 319 11.67 -6.26 11.11
CA LEU A 319 12.07 -7.24 10.11
C LEU A 319 12.46 -8.56 10.76
N THR A 320 13.25 -8.48 11.84
CA THR A 320 13.70 -9.67 12.57
C THR A 320 12.50 -10.49 13.09
N GLU A 321 11.49 -9.83 13.63
CA GLU A 321 10.29 -10.55 14.08
C GLU A 321 9.59 -11.24 12.92
N VAL A 322 9.39 -10.49 11.84
CA VAL A 322 8.71 -11.00 10.65
C VAL A 322 9.45 -12.21 10.05
N LEU A 323 10.78 -12.14 10.01
CA LEU A 323 11.62 -13.22 9.47
C LEU A 323 11.48 -14.55 10.20
N ASP A 324 11.05 -14.51 11.46
CA ASP A 324 10.74 -15.70 12.24
C ASP A 324 11.90 -16.72 12.21
N GLY A 325 13.11 -16.22 12.46
CA GLY A 325 14.29 -17.08 12.57
C GLY A 325 15.15 -17.21 11.32
N LYS A 326 14.64 -16.76 10.18
CA LYS A 326 15.38 -16.82 8.91
C LYS A 326 16.65 -15.98 8.98
N GLN A 327 17.80 -16.63 8.75
CA GLN A 327 19.11 -15.98 8.88
C GLN A 327 19.53 -15.28 7.59
N ILE A 328 18.90 -14.14 7.32
CA ILE A 328 19.26 -13.33 6.16
C ILE A 328 20.14 -12.17 6.59
N PRO A 329 21.34 -12.05 5.99
CA PRO A 329 22.19 -10.91 6.35
C PRO A 329 21.58 -9.59 5.86
N VAL A 330 21.70 -8.56 6.68
CA VAL A 330 21.06 -7.28 6.40
C VAL A 330 22.06 -6.13 6.50
N LEU A 331 22.13 -5.33 5.45
CA LEU A 331 22.80 -4.05 5.50
C LEU A 331 21.73 -3.03 5.91
N ASP A 332 21.80 -2.59 7.16
CA ASP A 332 20.81 -1.67 7.71
C ASP A 332 21.30 -0.24 7.72
N GLY A 333 20.67 0.60 6.89
CA GLY A 333 20.96 2.02 6.87
C GLY A 333 21.84 2.48 5.71
N PHE A 334 21.65 1.86 4.55
CA PHE A 334 22.35 2.29 3.34
C PHE A 334 21.84 3.66 2.92
N ASP A 335 22.76 4.53 2.52
CA ASP A 335 22.43 5.91 2.18
C ASP A 335 21.94 6.05 0.74
N CYS A 336 20.86 5.33 0.45
CA CYS A 336 20.18 5.41 -0.84
C CYS A 336 18.69 5.37 -0.56
N SER A 337 18.15 6.53 -0.21
CA SER A 337 16.79 6.65 0.30
C SER A 337 16.37 8.11 0.30
N HIS A 338 15.42 8.46 1.17
CA HIS A 338 14.93 9.83 1.30
C HIS A 338 15.82 10.72 2.18
N THR A 339 16.79 10.11 2.87
CA THR A 339 17.71 10.87 3.71
C THR A 339 18.79 11.53 2.85
N HIS A 340 19.43 12.57 3.40
CA HIS A 340 20.50 13.28 2.72
C HIS A 340 21.84 13.03 3.44
N PRO A 341 22.92 12.79 2.68
CA PRO A 341 22.98 12.75 1.22
C PRO A 341 22.51 11.40 0.67
N MET A 342 22.34 11.35 -0.66
CA MET A 342 21.85 10.16 -1.31
C MET A 342 22.86 9.63 -2.32
N LEU A 343 23.13 8.33 -2.26
CA LEU A 343 23.99 7.66 -3.22
C LEU A 343 23.18 7.19 -4.41
N THR A 344 23.84 6.98 -5.54
CA THR A 344 23.22 6.47 -6.75
C THR A 344 23.48 4.97 -6.88
N LEU A 345 22.43 4.20 -7.12
CA LEU A 345 22.50 2.74 -7.18
C LEU A 345 21.86 2.18 -8.44
N PRO A 346 22.64 1.45 -9.26
CA PRO A 346 22.02 0.76 -10.40
C PRO A 346 21.18 -0.42 -9.92
N LEU A 347 20.02 -0.60 -10.54
CA LEU A 347 19.10 -1.69 -10.19
C LEU A 347 19.11 -2.76 -11.28
N GLY A 348 19.21 -4.02 -10.85
CA GLY A 348 19.16 -5.14 -11.79
C GLY A 348 20.51 -5.72 -12.15
N VAL A 349 21.56 -5.24 -11.49
CA VAL A 349 22.91 -5.77 -11.65
C VAL A 349 23.45 -6.33 -10.34
N LYS A 350 24.50 -7.14 -10.42
CA LYS A 350 25.09 -7.75 -9.25
C LYS A 350 25.82 -6.75 -8.35
N LEU A 351 25.55 -6.87 -7.05
CA LEU A 351 26.31 -6.18 -6.02
C LEU A 351 26.98 -7.24 -5.15
N ALA A 352 28.07 -6.85 -4.50
CA ALA A 352 28.69 -7.68 -3.48
C ALA A 352 28.69 -6.91 -2.15
N ILE A 353 28.07 -7.48 -1.14
CA ILE A 353 28.14 -6.92 0.19
C ILE A 353 29.11 -7.77 1.01
N ASP A 354 30.21 -7.15 1.43
CA ASP A 354 31.15 -7.80 2.33
C ASP A 354 30.80 -7.41 3.76
N PHE A 355 30.13 -8.33 4.45
CA PHE A 355 29.68 -8.09 5.81
C PHE A 355 30.82 -8.07 6.83
N ASP A 356 31.91 -8.77 6.52
CA ASP A 356 33.08 -8.80 7.41
C ASP A 356 33.88 -7.51 7.33
N ASN A 357 34.06 -7.00 6.11
CA ASN A 357 34.80 -5.76 5.89
C ASN A 357 33.93 -4.51 5.85
N LYS A 358 32.62 -4.71 6.01
CA LYS A 358 31.64 -3.63 6.11
C LYS A 358 31.69 -2.70 4.90
N ASN A 359 31.58 -3.28 3.70
CA ASN A 359 31.47 -2.50 2.48
C ASN A 359 30.50 -3.11 1.46
N ILE A 360 30.15 -2.30 0.46
CA ILE A 360 29.23 -2.71 -0.58
C ILE A 360 29.76 -2.24 -1.94
N SER A 361 29.71 -3.14 -2.93
CA SER A 361 30.30 -2.89 -4.23
C SER A 361 29.36 -3.27 -5.37
N ILE A 362 29.49 -2.57 -6.50
CA ILE A 362 28.87 -2.99 -7.75
C ILE A 362 29.87 -3.86 -8.49
N THR A 363 29.46 -5.06 -8.89
CA THR A 363 30.40 -6.03 -9.49
C THR A 363 30.08 -6.37 -10.93
N GLU A 364 28.98 -5.81 -11.46
CA GLU A 364 28.54 -6.09 -12.82
C GLU A 364 28.43 -4.77 -13.60
N GLN A 365 28.88 -4.80 -14.86
CA GLN A 365 28.77 -3.66 -15.76
C GLN A 365 27.32 -3.16 -15.83
N TYR A 366 27.15 -1.86 -15.70
CA TYR A 366 25.81 -1.26 -15.62
C TYR A 366 25.59 -0.11 -16.60
N LEU A 367 26.65 0.27 -17.32
CA LEU A 367 26.56 1.22 -18.42
C LEU A 367 27.41 0.69 -19.58
N SER A 368 27.03 1.06 -20.80
CA SER A 368 27.68 0.53 -22.00
C SER A 368 29.10 1.06 -22.18
N PRO B 34 -18.77 -23.96 -1.67
CA PRO B 34 -17.94 -23.35 -0.63
C PRO B 34 -18.22 -23.91 0.76
N LEU B 35 -17.29 -23.69 1.68
CA LEU B 35 -17.46 -24.11 3.07
C LEU B 35 -18.32 -23.09 3.80
N LEU B 36 -19.38 -23.57 4.45
CA LEU B 36 -20.35 -22.69 5.12
C LEU B 36 -20.38 -22.90 6.63
N ALA B 37 -20.42 -21.77 7.35
CA ALA B 37 -20.57 -21.79 8.80
C ALA B 37 -22.03 -21.98 9.19
N ALA B 38 -22.26 -22.44 10.42
CA ALA B 38 -23.60 -22.50 11.00
C ALA B 38 -24.14 -21.07 11.16
N PRO B 39 -25.46 -20.89 10.96
CA PRO B 39 -26.05 -19.56 11.08
C PRO B 39 -26.05 -19.05 12.52
N LEU B 40 -26.14 -17.74 12.67
CA LEU B 40 -26.24 -17.12 13.98
C LEU B 40 -27.68 -17.22 14.49
N ALA B 41 -27.82 -17.20 15.81
CA ALA B 41 -29.12 -17.17 16.45
C ALA B 41 -29.06 -16.29 17.70
N VAL B 42 -30.19 -15.68 18.05
CA VAL B 42 -30.30 -14.92 19.29
C VAL B 42 -29.84 -15.81 20.46
N GLY B 43 -28.98 -15.25 21.31
CA GLY B 43 -28.46 -15.98 22.47
C GLY B 43 -27.15 -16.69 22.24
N ASP B 44 -26.64 -16.64 21.00
CA ASP B 44 -25.36 -17.26 20.67
C ASP B 44 -24.18 -16.57 21.34
N THR B 45 -23.03 -17.24 21.30
CA THR B 45 -21.79 -16.72 21.85
C THR B 45 -20.93 -16.15 20.73
N ILE B 46 -20.52 -14.89 20.91
CA ILE B 46 -19.62 -14.22 19.99
C ILE B 46 -18.28 -14.03 20.70
N GLY B 47 -17.21 -14.48 20.03
CA GLY B 47 -15.85 -14.23 20.53
C GLY B 47 -15.24 -13.08 19.77
N PHE B 48 -14.50 -12.22 20.46
CA PHE B 48 -13.83 -11.11 19.79
C PHE B 48 -12.31 -11.14 19.92
N PHE B 49 -11.63 -10.63 18.90
CA PHE B 49 -10.17 -10.65 18.82
C PHE B 49 -9.64 -9.31 18.32
N SER B 50 -8.41 -9.00 18.69
CA SER B 50 -7.74 -7.78 18.26
C SER B 50 -6.49 -8.15 17.44
N SER B 51 -6.66 -8.25 16.13
CA SER B 51 -5.58 -8.69 15.24
C SER B 51 -4.62 -7.57 14.85
N SER B 52 -4.94 -6.35 15.25
CA SER B 52 -4.07 -5.20 14.95
C SER B 52 -4.07 -4.17 16.08
N ALA B 53 -4.79 -3.06 15.90
CA ALA B 53 -4.80 -1.97 16.87
C ALA B 53 -5.42 -2.39 18.21
N PRO B 54 -4.80 -1.97 19.33
CA PRO B 54 -5.26 -2.36 20.67
C PRO B 54 -6.40 -1.47 21.19
N ALA B 55 -7.49 -1.39 20.44
CA ALA B 55 -8.56 -0.44 20.75
C ALA B 55 -9.42 -0.78 21.97
N THR B 56 -9.34 -2.02 22.47
CA THR B 56 -9.99 -2.33 23.74
C THR B 56 -9.39 -1.50 24.88
N VAL B 57 -8.17 -0.99 24.66
CA VAL B 57 -7.51 -0.07 25.58
C VAL B 57 -7.66 1.39 25.11
N THR B 58 -7.29 1.65 23.86
CA THR B 58 -7.23 3.02 23.36
C THR B 58 -8.60 3.64 23.04
N ALA B 59 -9.61 2.80 22.87
CA ALA B 59 -11.00 3.25 22.70
C ALA B 59 -11.91 2.48 23.66
N LYS B 60 -11.52 2.46 24.93
CA LYS B 60 -12.16 1.62 25.93
C LYS B 60 -13.63 1.98 26.20
N ASN B 61 -13.95 3.27 26.16
CA ASN B 61 -15.33 3.70 26.37
C ASN B 61 -16.24 3.20 25.25
N ARG B 62 -15.79 3.35 24.00
CA ARG B 62 -16.55 2.86 22.86
C ARG B 62 -16.66 1.34 22.87
N PHE B 63 -15.57 0.69 23.27
CA PHE B 63 -15.52 -0.77 23.44
C PHE B 63 -16.60 -1.24 24.43
N PHE B 64 -16.64 -0.60 25.60
CA PHE B 64 -17.64 -0.92 26.62
C PHE B 64 -19.07 -0.71 26.12
N ARG B 65 -19.29 0.37 25.36
CA ARG B 65 -20.60 0.62 24.76
C ARG B 65 -21.00 -0.49 23.78
N GLY B 66 -20.05 -0.90 22.95
CA GLY B 66 -20.27 -2.00 21.98
C GLY B 66 -20.59 -3.31 22.66
N VAL B 67 -19.83 -3.64 23.70
CA VAL B 67 -20.05 -4.84 24.52
C VAL B 67 -21.48 -4.83 25.11
N GLU B 68 -21.85 -3.72 25.73
CA GLU B 68 -23.17 -3.58 26.34
C GLU B 68 -24.28 -3.68 25.29
N PHE B 69 -24.06 -3.08 24.12
CA PHE B 69 -25.02 -3.14 23.03
C PHE B 69 -25.37 -4.57 22.65
N LEU B 70 -24.35 -5.38 22.40
CA LEU B 70 -24.57 -6.78 21.99
C LEU B 70 -25.10 -7.65 23.12
N GLN B 71 -24.66 -7.39 24.35
CA GLN B 71 -25.17 -8.12 25.52
C GLN B 71 -26.66 -7.88 25.74
N ARG B 72 -27.09 -6.64 25.55
CA ARG B 72 -28.51 -6.29 25.68
C ARG B 72 -29.38 -6.91 24.59
N LYS B 73 -28.73 -7.29 23.47
CA LYS B 73 -29.41 -8.03 22.41
C LYS B 73 -29.50 -9.52 22.73
N GLY B 74 -28.84 -9.94 23.80
CA GLY B 74 -28.91 -11.32 24.28
C GLY B 74 -27.71 -12.19 23.97
N PHE B 75 -26.68 -11.62 23.34
CA PHE B 75 -25.48 -12.37 23.02
C PHE B 75 -24.56 -12.53 24.22
N LYS B 76 -23.94 -13.70 24.32
CA LYS B 76 -22.87 -13.95 25.28
C LYS B 76 -21.57 -13.62 24.58
N LEU B 77 -20.65 -12.99 25.30
CA LEU B 77 -19.38 -12.57 24.71
C LEU B 77 -18.18 -13.25 25.35
N VAL B 78 -17.27 -13.71 24.51
CA VAL B 78 -15.98 -14.25 24.96
C VAL B 78 -14.89 -13.28 24.53
N SER B 79 -14.14 -12.78 25.51
CA SER B 79 -13.04 -11.85 25.25
C SER B 79 -11.80 -12.61 24.81
N GLY B 80 -11.24 -12.20 23.68
CA GLY B 80 -9.95 -12.74 23.23
C GLY B 80 -8.86 -12.44 24.24
N LYS B 81 -7.83 -13.28 24.25
CA LYS B 81 -6.77 -13.19 25.26
C LYS B 81 -5.95 -11.89 25.26
N LEU B 82 -6.03 -11.11 24.19
CA LEU B 82 -5.29 -9.85 24.11
C LEU B 82 -6.13 -8.62 24.48
N THR B 83 -7.39 -8.85 24.87
CA THR B 83 -8.24 -7.77 25.36
C THR B 83 -7.57 -7.10 26.56
N GLY B 84 -7.47 -5.78 26.52
CA GLY B 84 -6.88 -5.02 27.62
C GLY B 84 -5.36 -4.91 27.58
N LYS B 85 -4.75 -5.45 26.52
CA LYS B 85 -3.30 -5.44 26.39
C LYS B 85 -2.85 -4.45 25.32
N THR B 86 -1.64 -3.91 25.47
CA THR B 86 -1.04 -3.05 24.45
C THR B 86 0.42 -3.39 24.20
N ASP B 87 0.79 -3.39 22.92
CA ASP B 87 2.19 -3.40 22.51
C ASP B 87 2.38 -2.19 21.59
N PHE B 88 2.24 -1.01 22.18
CA PHE B 88 2.32 0.27 21.47
C PHE B 88 1.26 0.40 20.38
N TYR B 89 1.63 0.09 19.13
CA TYR B 89 0.75 0.27 17.97
C TYR B 89 -0.15 -0.93 17.70
N ARG B 90 0.07 -2.02 18.42
CA ARG B 90 -0.65 -3.27 18.21
C ARG B 90 -1.01 -3.92 19.53
N SER B 91 -1.82 -4.98 19.47
CA SER B 91 -2.30 -5.67 20.65
C SER B 91 -1.29 -6.65 21.25
N GLY B 92 -0.33 -7.08 20.42
CA GLY B 92 0.69 -8.04 20.84
C GLY B 92 1.55 -8.43 19.67
N THR B 93 2.48 -9.37 19.90
CA THR B 93 3.36 -9.85 18.82
C THR B 93 2.53 -10.54 17.74
N ILE B 94 3.15 -10.76 16.59
CA ILE B 94 2.52 -11.49 15.50
C ILE B 94 1.97 -12.84 16.00
N LYS B 95 2.81 -13.60 16.68
CA LYS B 95 2.42 -14.92 17.18
C LYS B 95 1.34 -14.87 18.26
N GLU B 96 1.42 -13.89 19.16
CA GLU B 96 0.39 -13.67 20.18
C GLU B 96 -0.98 -13.42 19.55
N ARG B 97 -1.00 -12.61 18.49
CA ARG B 97 -2.25 -12.27 17.81
C ARG B 97 -2.83 -13.46 17.05
N ALA B 98 -1.97 -14.26 16.42
CA ALA B 98 -2.41 -15.48 15.76
C ALA B 98 -2.99 -16.47 16.78
N GLN B 99 -2.31 -16.59 17.92
CA GLN B 99 -2.77 -17.42 19.04
C GLN B 99 -4.15 -16.99 19.54
N GLU B 100 -4.35 -15.68 19.70
CA GLU B 100 -5.64 -15.15 20.15
C GLU B 100 -6.78 -15.60 19.26
N PHE B 101 -6.58 -15.46 17.94
CA PHE B 101 -7.56 -15.87 16.95
C PHE B 101 -7.79 -17.38 16.97
N ASN B 102 -6.70 -18.15 16.96
CA ASN B 102 -6.78 -19.61 16.97
C ASN B 102 -7.56 -20.15 18.17
N GLU B 103 -7.35 -19.55 19.33
CA GLU B 103 -8.03 -19.98 20.55
C GLU B 103 -9.56 -19.81 20.48
N LEU B 104 -10.02 -18.81 19.73
CA LEU B 104 -11.45 -18.64 19.51
C LEU B 104 -12.00 -19.71 18.57
N VAL B 105 -11.21 -20.07 17.56
CA VAL B 105 -11.55 -21.16 16.64
C VAL B 105 -11.68 -22.50 17.38
N TYR B 106 -10.86 -22.69 18.42
CA TYR B 106 -10.86 -23.93 19.19
C TYR B 106 -12.02 -24.06 20.16
N ASN B 107 -12.70 -22.94 20.44
CA ASN B 107 -13.80 -22.90 21.39
C ASN B 107 -15.12 -23.35 20.74
N PRO B 108 -15.63 -24.53 21.13
CA PRO B 108 -16.82 -25.09 20.48
C PRO B 108 -18.11 -24.32 20.77
N ASP B 109 -18.09 -23.47 21.80
CA ASP B 109 -19.26 -22.69 22.18
C ASP B 109 -19.45 -21.44 21.31
N ILE B 110 -18.40 -21.04 20.60
CA ILE B 110 -18.43 -19.81 19.80
C ILE B 110 -19.03 -20.05 18.41
N THR B 111 -20.04 -19.27 18.06
CA THR B 111 -20.68 -19.33 16.75
C THR B 111 -20.10 -18.28 15.81
N CYS B 112 -19.71 -17.14 16.38
CA CYS B 112 -19.23 -16.00 15.61
C CYS B 112 -17.93 -15.45 16.19
N ILE B 113 -16.94 -15.28 15.32
CA ILE B 113 -15.67 -14.66 15.67
C ILE B 113 -15.62 -13.27 15.04
N MET B 114 -15.59 -12.24 15.88
CA MET B 114 -15.76 -10.86 15.46
C MET B 114 -14.53 -10.03 15.81
N SER B 115 -14.03 -9.28 14.84
CA SER B 115 -12.94 -8.35 15.06
C SER B 115 -13.37 -7.23 16.01
N THR B 116 -12.47 -6.82 16.90
CA THR B 116 -12.75 -5.65 17.74
C THR B 116 -12.62 -4.37 16.91
N ILE B 117 -11.57 -4.33 16.09
CA ILE B 117 -11.22 -3.19 15.25
C ILE B 117 -10.10 -3.61 14.30
N GLY B 118 -9.86 -2.81 13.26
CA GLY B 118 -8.76 -3.06 12.34
C GLY B 118 -7.45 -2.47 12.78
N GLY B 119 -6.79 -1.78 11.87
CA GLY B 119 -5.47 -1.22 12.10
C GLY B 119 -4.65 -1.33 10.83
N ASP B 120 -3.56 -2.10 10.89
CA ASP B 120 -2.61 -2.20 9.77
C ASP B 120 -1.99 -3.59 9.64
N ASN B 121 -2.14 -4.43 10.66
CA ASN B 121 -1.20 -5.53 10.85
C ASN B 121 -1.74 -6.95 10.83
N SER B 122 -3.01 -7.12 10.43
CA SER B 122 -3.63 -8.45 10.37
C SER B 122 -2.91 -9.41 9.43
N ASN B 123 -2.33 -8.89 8.34
CA ASN B 123 -1.67 -9.74 7.36
C ASN B 123 -0.50 -10.55 7.94
N SER B 124 0.12 -10.03 8.99
CA SER B 124 1.21 -10.72 9.69
C SER B 124 0.83 -12.09 10.21
N LEU B 125 -0.45 -12.25 10.58
CA LEU B 125 -0.95 -13.45 11.25
C LEU B 125 -1.10 -14.66 10.33
N LEU B 126 -1.22 -14.40 9.03
CA LEU B 126 -1.63 -15.42 8.07
C LEU B 126 -0.80 -16.73 8.04
N PRO B 127 0.54 -16.66 8.18
CA PRO B 127 1.27 -17.93 8.21
C PRO B 127 1.02 -18.77 9.46
N PHE B 128 0.37 -18.20 10.45
CA PHE B 128 0.27 -18.82 11.78
C PHE B 128 -1.14 -19.22 12.20
N LEU B 129 -2.12 -18.96 11.33
CA LEU B 129 -3.50 -19.36 11.61
C LEU B 129 -3.69 -20.86 11.43
N ASP B 130 -4.55 -21.45 12.26
CA ASP B 130 -4.80 -22.87 12.19
C ASP B 130 -5.92 -23.15 11.19
N TYR B 131 -5.54 -23.24 9.92
CA TYR B 131 -6.50 -23.42 8.82
C TYR B 131 -7.24 -24.75 8.88
N ASP B 132 -6.54 -25.80 9.32
CA ASP B 132 -7.17 -27.11 9.52
C ASP B 132 -8.28 -27.06 10.57
N ALA B 133 -8.05 -26.29 11.65
CA ALA B 133 -9.06 -26.13 12.70
C ALA B 133 -10.24 -25.29 12.21
N ILE B 134 -9.97 -24.31 11.36
CA ILE B 134 -11.01 -23.50 10.73
C ILE B 134 -11.92 -24.37 9.86
N ILE B 135 -11.32 -25.25 9.08
CA ILE B 135 -12.06 -26.20 8.23
C ILE B 135 -12.89 -27.18 9.09
N ALA B 136 -12.28 -27.69 10.16
CA ALA B 136 -12.93 -28.64 11.06
C ALA B 136 -14.04 -28.00 11.89
N ASN B 137 -13.87 -26.72 12.21
CA ASN B 137 -14.81 -25.98 13.05
C ASN B 137 -15.22 -24.65 12.41
N PRO B 138 -16.00 -24.71 11.31
CA PRO B 138 -16.38 -23.47 10.62
C PRO B 138 -17.23 -22.56 11.50
N LYS B 139 -16.87 -21.29 11.52
CA LYS B 139 -17.59 -20.28 12.28
C LYS B 139 -17.79 -19.04 11.42
N ILE B 140 -18.72 -18.19 11.83
CA ILE B 140 -18.91 -16.90 11.19
C ILE B 140 -17.75 -15.99 11.58
N ILE B 141 -16.94 -15.63 10.59
CA ILE B 141 -15.82 -14.71 10.79
C ILE B 141 -16.20 -13.37 10.18
N ILE B 142 -16.20 -12.33 11.01
CA ILE B 142 -16.72 -11.04 10.59
C ILE B 142 -15.84 -9.88 11.06
N GLY B 143 -15.68 -8.90 10.17
CA GLY B 143 -14.94 -7.69 10.45
C GLY B 143 -14.77 -6.91 9.15
N TYR B 144 -13.97 -5.88 9.18
CA TYR B 144 -13.71 -5.09 7.97
C TYR B 144 -12.37 -4.38 8.06
N SER B 145 -12.09 -3.51 7.08
CA SER B 145 -10.89 -2.68 7.09
C SER B 145 -9.66 -3.58 7.03
N ASP B 146 -8.70 -3.37 7.94
CA ASP B 146 -7.49 -4.18 7.97
C ASP B 146 -7.77 -5.68 8.08
N THR B 147 -8.88 -6.03 8.72
CA THR B 147 -9.25 -7.44 8.91
C THR B 147 -9.53 -8.16 7.59
N THR B 148 -9.69 -7.38 6.51
CA THR B 148 -9.74 -7.93 5.15
C THR B 148 -8.64 -8.98 4.90
N ALA B 149 -7.44 -8.74 5.41
CA ALA B 149 -6.33 -9.67 5.24
C ALA B 149 -6.71 -11.07 5.73
N LEU B 150 -7.39 -11.13 6.87
CA LEU B 150 -7.85 -12.40 7.45
C LEU B 150 -9.04 -12.98 6.71
N LEU B 151 -10.02 -12.13 6.39
CA LEU B 151 -11.21 -12.58 5.68
C LEU B 151 -10.87 -13.20 4.33
N ALA B 152 -10.03 -12.50 3.57
CA ALA B 152 -9.60 -12.96 2.26
C ALA B 152 -8.64 -14.14 2.36
N GLY B 153 -7.70 -14.05 3.29
CA GLY B 153 -6.71 -15.12 3.51
C GLY B 153 -7.33 -16.44 3.94
N ILE B 154 -8.31 -16.37 4.84
CA ILE B 154 -9.02 -17.57 5.29
C ILE B 154 -9.82 -18.19 4.13
N TYR B 155 -10.51 -17.34 3.37
CA TYR B 155 -11.23 -17.80 2.18
C TYR B 155 -10.30 -18.49 1.18
N ALA B 156 -9.14 -17.87 0.92
CA ALA B 156 -8.16 -18.41 -0.03
C ALA B 156 -7.67 -19.79 0.39
N LYS B 157 -7.47 -19.97 1.70
CA LYS B 157 -6.92 -21.21 2.24
C LYS B 157 -7.96 -22.32 2.47
N THR B 158 -9.20 -21.93 2.77
CA THR B 158 -10.20 -22.90 3.25
C THR B 158 -11.49 -22.94 2.44
N GLY B 159 -11.76 -21.88 1.68
CA GLY B 159 -13.02 -21.77 0.95
C GLY B 159 -14.19 -21.36 1.82
N LEU B 160 -13.91 -21.01 3.08
CA LEU B 160 -14.94 -20.58 4.01
C LEU B 160 -15.50 -19.22 3.63
N ILE B 161 -16.82 -19.12 3.62
CA ILE B 161 -17.49 -17.86 3.35
C ILE B 161 -17.46 -16.99 4.60
N THR B 162 -16.62 -15.95 4.55
CA THR B 162 -16.47 -15.00 5.64
C THR B 162 -17.26 -13.73 5.31
N PHE B 163 -17.31 -12.80 6.26
CA PHE B 163 -18.22 -11.66 6.16
C PHE B 163 -17.54 -10.32 6.31
N TYR B 164 -17.78 -9.44 5.34
CA TYR B 164 -17.42 -8.04 5.46
C TYR B 164 -18.55 -7.37 6.21
N GLY B 165 -18.27 -6.97 7.44
CA GLY B 165 -19.32 -6.43 8.30
C GLY B 165 -18.78 -5.89 9.60
N PRO B 166 -19.67 -5.68 10.57
CA PRO B 166 -19.36 -5.03 11.85
C PRO B 166 -18.14 -5.56 12.60
N ALA B 167 -17.33 -4.63 13.08
CA ALA B 167 -16.33 -4.88 14.10
C ALA B 167 -16.89 -4.29 15.40
N LEU B 168 -16.62 -4.95 16.52
CA LEU B 168 -17.23 -4.60 17.80
C LEU B 168 -17.16 -3.12 18.17
N ILE B 169 -15.95 -2.56 18.13
CA ILE B 169 -15.72 -1.20 18.61
C ILE B 169 -16.27 -0.12 17.65
N PRO B 170 -15.78 -0.08 16.39
CA PRO B 170 -16.29 0.99 15.53
C PRO B 170 -17.77 0.84 15.17
N SER B 171 -18.23 -0.39 14.98
CA SER B 171 -19.59 -0.62 14.47
C SER B 171 -20.65 -0.64 15.54
N PHE B 172 -20.44 -1.41 16.61
CA PHE B 172 -21.43 -1.53 17.67
C PHE B 172 -21.23 -0.56 18.83
N GLY B 173 -20.10 0.15 18.83
CA GLY B 173 -19.86 1.23 19.77
C GLY B 173 -20.37 2.57 19.25
N GLU B 174 -20.85 2.59 18.00
CA GLU B 174 -21.46 3.77 17.41
C GLU B 174 -22.72 4.17 18.19
N HIS B 175 -22.87 5.48 18.44
CA HIS B 175 -24.07 5.99 19.10
C HIS B 175 -25.30 5.81 18.22
N PRO B 176 -26.49 5.66 18.84
CA PRO B 176 -27.74 5.79 18.09
C PRO B 176 -27.78 7.14 17.36
N PRO B 177 -28.50 7.23 16.23
CA PRO B 177 -29.42 6.25 15.66
C PRO B 177 -28.78 5.21 14.71
N LEU B 178 -27.57 5.47 14.25
CA LEU B 178 -26.99 4.70 13.15
C LEU B 178 -26.64 3.25 13.51
N VAL B 179 -26.27 3.01 14.76
CA VAL B 179 -25.93 1.66 15.22
C VAL B 179 -27.08 0.66 15.05
N ASP B 180 -28.32 1.15 15.20
CA ASP B 180 -29.50 0.30 15.07
C ASP B 180 -29.68 -0.23 13.66
N ILE B 181 -29.34 0.58 12.67
CA ILE B 181 -29.43 0.17 11.26
C ILE B 181 -28.33 -0.85 10.93
N THR B 182 -27.12 -0.61 11.44
CA THR B 182 -26.03 -1.57 11.34
C THR B 182 -26.44 -2.92 11.93
N TYR B 183 -27.00 -2.88 13.14
CA TYR B 183 -27.44 -4.10 13.80
C TYR B 183 -28.52 -4.84 13.02
N GLU B 184 -29.50 -4.10 12.50
CA GLU B 184 -30.58 -4.69 11.73
C GLU B 184 -30.08 -5.52 10.55
N SER B 185 -29.07 -5.02 9.85
CA SER B 185 -28.45 -5.76 8.75
C SER B 185 -27.69 -6.99 9.23
N PHE B 186 -26.89 -6.79 10.27
CA PHE B 186 -26.10 -7.85 10.92
C PHE B 186 -26.98 -9.04 11.29
N ILE B 187 -28.05 -8.77 12.03
CA ILE B 187 -28.93 -9.83 12.51
C ILE B 187 -29.76 -10.45 11.38
N LYS B 188 -30.20 -9.64 10.42
CA LYS B 188 -30.97 -10.14 9.27
C LYS B 188 -30.14 -11.10 8.43
N ILE B 189 -28.95 -10.67 8.02
CA ILE B 189 -28.09 -11.46 7.14
C ILE B 189 -27.68 -12.80 7.79
N LEU B 190 -27.32 -12.75 9.06
CA LEU B 190 -26.75 -13.92 9.73
C LEU B 190 -27.77 -14.89 10.33
N THR B 191 -29.01 -14.45 10.54
CA THR B 191 -30.03 -15.32 11.14
C THR B 191 -31.15 -15.76 10.20
N ARG B 192 -31.31 -15.06 9.07
CA ARG B 192 -32.40 -15.37 8.13
C ARG B 192 -32.31 -16.80 7.58
N LYS B 193 -33.47 -17.34 7.22
CA LYS B 193 -33.53 -18.63 6.53
C LYS B 193 -32.87 -18.52 5.16
N GLN B 194 -32.10 -19.54 4.80
CA GLN B 194 -31.38 -19.57 3.54
C GLN B 194 -32.28 -20.09 2.41
N SER B 195 -33.36 -19.36 2.16
CA SER B 195 -34.33 -19.72 1.13
C SER B 195 -34.63 -18.50 0.26
N GLY B 196 -34.42 -18.66 -1.05
CA GLY B 196 -34.59 -17.56 -2.00
C GLY B 196 -33.51 -16.51 -1.87
N ILE B 197 -33.49 -15.56 -2.80
CA ILE B 197 -32.51 -14.49 -2.79
C ILE B 197 -32.78 -13.50 -1.65
N TYR B 198 -31.73 -12.81 -1.21
CA TYR B 198 -31.89 -11.71 -0.28
C TYR B 198 -31.54 -10.39 -0.95
N THR B 199 -32.48 -9.45 -0.94
CA THR B 199 -32.26 -8.13 -1.52
C THR B 199 -32.05 -7.12 -0.41
N TYR B 200 -30.93 -6.39 -0.50
CA TYR B 200 -30.55 -5.41 0.51
C TYR B 200 -31.50 -4.23 0.59
N THR B 201 -31.72 -3.78 1.83
CA THR B 201 -32.36 -2.51 2.08
C THR B 201 -31.32 -1.41 1.89
N LEU B 202 -31.78 -0.21 1.53
CA LEU B 202 -30.90 0.93 1.38
C LEU B 202 -31.08 1.83 2.61
N PRO B 203 -30.00 2.04 3.40
CA PRO B 203 -30.12 2.97 4.52
C PRO B 203 -30.61 4.33 4.04
N GLU B 204 -31.58 4.90 4.75
CA GLU B 204 -32.17 6.18 4.39
C GLU B 204 -31.16 7.31 4.53
N LYS B 205 -30.38 7.25 5.61
CA LYS B 205 -29.36 8.25 5.91
C LYS B 205 -28.05 7.60 6.31
N TRP B 206 -26.96 8.33 6.13
CA TRP B 206 -25.63 7.84 6.46
C TRP B 206 -24.73 8.99 6.89
N SER B 207 -23.59 8.67 7.50
CA SER B 207 -22.59 9.67 7.86
C SER B 207 -21.19 9.09 7.87
N ASP B 208 -20.20 9.98 7.74
CA ASP B 208 -18.79 9.58 7.83
C ASP B 208 -17.99 10.49 8.76
N GLU B 209 -18.68 11.36 9.48
CA GLU B 209 -18.01 12.35 10.33
C GLU B 209 -17.16 11.73 11.43
N SER B 210 -15.96 12.28 11.60
CA SER B 210 -15.02 11.82 12.62
C SER B 210 -15.24 12.55 13.94
N ILE B 211 -16.40 12.28 14.54
CA ILE B 211 -16.77 12.82 15.85
C ILE B 211 -17.44 11.71 16.65
N ASN B 212 -17.71 11.99 17.92
CA ASN B 212 -18.43 11.08 18.82
C ASN B 212 -17.77 9.69 18.91
N TRP B 213 -16.45 9.68 19.02
CA TRP B 213 -15.72 8.42 18.97
C TRP B 213 -15.68 7.65 20.29
N ASN B 214 -15.07 8.23 21.31
CA ASN B 214 -14.73 7.49 22.53
C ASN B 214 -15.12 8.18 23.84
N GLU B 215 -16.35 8.71 23.89
CA GLU B 215 -16.85 9.36 25.10
C GLU B 215 -18.26 8.87 25.44
N ASN B 216 -18.69 9.10 26.67
CA ASN B 216 -20.02 8.67 27.09
C ASN B 216 -21.15 9.29 26.29
N LYS B 217 -21.02 10.58 25.99
CA LYS B 217 -22.05 11.32 25.28
C LYS B 217 -21.50 11.83 23.96
N ILE B 218 -22.40 12.03 23.01
CA ILE B 218 -22.05 12.70 21.76
C ILE B 218 -21.69 14.15 22.04
N LEU B 219 -20.78 14.69 21.24
CA LEU B 219 -20.51 16.12 21.25
C LEU B 219 -21.72 16.85 20.68
N ARG B 220 -22.19 16.35 19.55
CA ARG B 220 -23.36 16.85 18.83
C ARG B 220 -23.72 15.79 17.78
N PRO B 221 -24.97 15.80 17.28
CA PRO B 221 -25.35 14.78 16.29
C PRO B 221 -24.53 14.88 15.01
N LYS B 222 -24.19 13.74 14.43
CA LYS B 222 -23.53 13.68 13.14
C LYS B 222 -24.46 14.22 12.05
N LYS B 223 -23.86 14.83 11.03
CA LYS B 223 -24.57 15.19 9.81
C LYS B 223 -25.14 13.90 9.20
N LEU B 224 -26.42 13.91 8.88
CA LEU B 224 -27.06 12.76 8.24
C LEU B 224 -27.32 13.06 6.78
N TYR B 225 -26.54 12.42 5.91
CA TYR B 225 -26.65 12.62 4.48
C TYR B 225 -27.72 11.70 3.88
N LYS B 226 -28.45 12.21 2.90
CA LYS B 226 -29.33 11.36 2.10
C LYS B 226 -28.46 10.37 1.32
N ASN B 227 -28.98 9.18 1.10
CA ASN B 227 -28.21 8.15 0.41
C ASN B 227 -28.04 8.46 -1.07
N ASN B 228 -26.80 8.76 -1.45
CA ASN B 228 -26.47 9.16 -2.81
C ASN B 228 -25.82 8.03 -3.63
N CYS B 229 -26.10 6.79 -3.23
CA CYS B 229 -25.65 5.61 -3.96
C CYS B 229 -26.12 5.67 -5.40
N ALA B 230 -25.23 5.37 -6.33
CA ALA B 230 -25.52 5.47 -7.76
C ALA B 230 -25.23 4.16 -8.49
N PHE B 231 -26.11 3.80 -9.41
CA PHE B 231 -25.95 2.60 -10.22
C PHE B 231 -25.59 2.99 -11.65
N TYR B 232 -24.30 2.89 -11.98
CA TYR B 232 -23.82 3.24 -13.31
C TYR B 232 -23.80 2.02 -14.23
N GLY B 233 -24.79 1.95 -15.11
CA GLY B 233 -24.92 0.83 -16.04
C GLY B 233 -26.36 0.42 -16.23
N SER B 234 -26.56 -0.68 -16.95
CA SER B 234 -27.90 -1.19 -17.21
C SER B 234 -27.94 -2.71 -17.09
N GLY B 235 -29.15 -3.26 -17.00
CA GLY B 235 -29.36 -4.70 -16.90
C GLY B 235 -28.97 -5.27 -15.54
N LYS B 236 -28.77 -6.58 -15.53
CA LYS B 236 -28.42 -7.31 -14.31
C LYS B 236 -27.07 -8.01 -14.48
N VAL B 237 -26.23 -7.87 -13.47
CA VAL B 237 -24.95 -8.59 -13.43
C VAL B 237 -24.93 -9.50 -12.21
N GLU B 238 -24.68 -10.79 -12.44
CA GLU B 238 -24.58 -11.77 -11.37
C GLU B 238 -23.22 -12.45 -11.41
N GLY B 239 -22.54 -12.46 -10.27
CA GLY B 239 -21.23 -13.09 -10.16
C GLY B 239 -20.75 -13.17 -8.73
N ARG B 240 -19.73 -14.01 -8.51
CA ARG B 240 -19.10 -14.15 -7.20
C ARG B 240 -18.46 -12.84 -6.78
N VAL B 241 -18.78 -12.38 -5.56
CA VAL B 241 -18.17 -11.17 -5.03
C VAL B 241 -16.84 -11.48 -4.33
N ILE B 242 -15.83 -10.69 -4.65
CA ILE B 242 -14.48 -10.84 -4.07
C ILE B 242 -13.93 -9.46 -3.77
N GLY B 243 -13.22 -9.34 -2.65
CA GLY B 243 -12.50 -8.12 -2.32
C GLY B 243 -12.53 -7.75 -0.86
N GLY B 244 -12.77 -6.46 -0.60
CA GLY B 244 -12.75 -5.92 0.76
C GLY B 244 -12.09 -4.55 0.76
N ASN B 245 -11.34 -4.25 1.81
CA ASN B 245 -10.61 -3.01 1.89
C ASN B 245 -9.42 -3.04 0.93
N LEU B 246 -9.44 -2.16 -0.06
CA LEU B 246 -8.47 -2.23 -1.15
C LEU B 246 -7.04 -1.97 -0.69
N ASN B 247 -6.83 -0.93 0.13
CA ASN B 247 -5.50 -0.67 0.66
C ASN B 247 -4.94 -1.88 1.42
N THR B 248 -5.80 -2.55 2.19
CA THR B 248 -5.39 -3.73 2.94
C THR B 248 -5.00 -4.90 2.03
N LEU B 249 -5.71 -5.04 0.91
CA LEU B 249 -5.40 -6.10 -0.06
C LEU B 249 -3.95 -6.06 -0.56
N THR B 250 -3.36 -4.87 -0.59
CA THR B 250 -1.94 -4.74 -1.00
C THR B 250 -0.99 -5.52 -0.11
N GLY B 251 -1.40 -5.76 1.14
CA GLY B 251 -0.57 -6.50 2.10
C GLY B 251 -0.56 -8.01 1.90
N ILE B 252 -1.49 -8.53 1.10
CA ILE B 252 -1.55 -9.97 0.81
C ILE B 252 -1.41 -10.25 -0.69
N TRP B 253 -1.39 -9.18 -1.49
CA TRP B 253 -1.38 -9.28 -2.94
C TRP B 253 -0.20 -10.12 -3.44
N GLY B 254 -0.46 -10.97 -4.44
CA GLY B 254 0.57 -11.82 -5.03
C GLY B 254 0.83 -13.12 -4.28
N SER B 255 0.34 -13.22 -3.05
CA SER B 255 0.59 -14.38 -2.20
C SER B 255 -0.51 -15.43 -2.33
N GLU B 256 -0.25 -16.60 -1.75
CA GLU B 256 -1.23 -17.69 -1.71
C GLU B 256 -2.48 -17.34 -0.89
N TRP B 257 -2.41 -16.24 -0.13
CA TRP B 257 -3.53 -15.78 0.69
C TRP B 257 -4.45 -14.79 -0.03
N MET B 258 -4.04 -14.32 -1.21
CA MET B 258 -4.89 -13.49 -2.03
C MET B 258 -5.76 -14.37 -2.92
N PRO B 259 -7.09 -14.33 -2.73
CA PRO B 259 -7.98 -15.13 -3.58
C PRO B 259 -7.83 -14.71 -5.04
N GLU B 260 -7.76 -15.70 -5.93
CA GLU B 260 -7.68 -15.44 -7.35
C GLU B 260 -8.98 -14.80 -7.83
N ILE B 261 -8.85 -13.66 -8.50
CA ILE B 261 -9.98 -13.01 -9.15
C ILE B 261 -10.14 -13.64 -10.53
N ARG B 262 -11.39 -14.01 -10.84
CA ARG B 262 -11.68 -14.76 -12.06
C ARG B 262 -12.67 -14.01 -12.95
N ASN B 263 -12.70 -14.41 -14.23
CA ASN B 263 -13.67 -13.89 -15.17
C ASN B 263 -15.08 -13.98 -14.62
N GLY B 264 -15.81 -12.86 -14.67
CA GLY B 264 -17.19 -12.84 -14.22
C GLY B 264 -17.41 -12.43 -12.78
N ASP B 265 -16.32 -12.35 -11.99
CA ASP B 265 -16.42 -11.90 -10.60
C ASP B 265 -16.98 -10.49 -10.51
N ILE B 266 -17.62 -10.19 -9.38
CA ILE B 266 -17.95 -8.82 -9.03
C ILE B 266 -16.90 -8.37 -8.00
N LEU B 267 -16.19 -7.30 -8.34
CA LEU B 267 -15.19 -6.75 -7.42
C LEU B 267 -15.83 -5.82 -6.42
N PHE B 268 -15.63 -6.12 -5.14
CA PHE B 268 -16.06 -5.24 -4.06
C PHE B 268 -14.84 -4.60 -3.42
N ILE B 269 -14.79 -3.28 -3.45
CA ILE B 269 -13.68 -2.54 -2.84
C ILE B 269 -14.18 -1.31 -2.09
N GLU B 270 -13.56 -1.06 -0.94
CA GLU B 270 -13.79 0.17 -0.19
C GLU B 270 -12.49 0.63 0.43
N ASP B 271 -12.38 1.94 0.64
CA ASP B 271 -11.25 2.53 1.33
C ASP B 271 -11.73 3.64 2.27
N SER B 272 -10.85 4.06 3.17
CA SER B 272 -11.18 5.03 4.20
C SER B 272 -10.10 6.10 4.33
N ARG B 273 -10.56 7.36 4.39
CA ARG B 273 -9.71 8.52 4.69
C ARG B 273 -8.48 8.63 3.81
N LYS B 274 -8.63 8.25 2.54
CA LYS B 274 -7.52 8.32 1.59
C LYS B 274 -7.56 9.60 0.78
N SER B 275 -6.38 10.04 0.38
CA SER B 275 -6.24 11.09 -0.61
C SER B 275 -6.60 10.52 -1.98
N ILE B 276 -7.06 11.41 -2.86
CA ILE B 276 -7.30 11.07 -4.25
C ILE B 276 -6.04 10.49 -4.90
N ALA B 277 -4.87 10.96 -4.47
CA ALA B 277 -3.59 10.42 -4.94
C ALA B 277 -3.47 8.93 -4.66
N THR B 278 -3.80 8.53 -3.44
CA THR B 278 -3.75 7.12 -3.04
C THR B 278 -4.79 6.29 -3.79
N VAL B 279 -5.99 6.85 -3.93
CA VAL B 279 -7.08 6.18 -4.65
C VAL B 279 -6.73 5.91 -6.11
N GLU B 280 -6.10 6.87 -6.78
CA GLU B 280 -5.61 6.65 -8.14
C GLU B 280 -4.57 5.52 -8.18
N ARG B 281 -3.65 5.53 -7.23
CA ARG B 281 -2.61 4.51 -7.13
C ARG B 281 -3.20 3.10 -7.02
N LEU B 282 -4.17 2.95 -6.14
CA LEU B 282 -4.80 1.65 -5.89
C LEU B 282 -5.65 1.17 -7.07
N PHE B 283 -6.38 2.08 -7.70
CA PHE B 283 -7.14 1.74 -8.90
C PHE B 283 -6.21 1.32 -10.04
N SER B 284 -5.11 2.04 -10.21
CA SER B 284 -4.13 1.68 -11.23
C SER B 284 -3.46 0.33 -10.95
N MET B 285 -3.22 0.04 -9.67
CA MET B 285 -2.71 -1.28 -9.27
C MET B 285 -3.62 -2.39 -9.81
N LEU B 286 -4.92 -2.23 -9.60
CA LEU B 286 -5.91 -3.19 -10.10
C LEU B 286 -5.86 -3.29 -11.63
N LYS B 287 -5.77 -2.15 -12.29
CA LYS B 287 -5.66 -2.10 -13.75
C LYS B 287 -4.44 -2.91 -14.23
N LEU B 288 -3.28 -2.65 -13.63
CA LEU B 288 -2.04 -3.33 -14.02
C LEU B 288 -2.14 -4.83 -13.83
N ASN B 289 -2.92 -5.25 -12.84
CA ASN B 289 -3.11 -6.66 -12.55
C ASN B 289 -4.20 -7.35 -13.38
N ARG B 290 -4.71 -6.62 -14.38
CA ARG B 290 -5.70 -7.14 -15.34
C ARG B 290 -7.05 -7.45 -14.71
N VAL B 291 -7.29 -6.90 -13.51
CA VAL B 291 -8.55 -7.10 -12.79
C VAL B 291 -9.74 -6.58 -13.60
N PHE B 292 -9.55 -5.46 -14.28
CA PHE B 292 -10.63 -4.86 -15.06
C PHE B 292 -10.88 -5.55 -16.41
N ASP B 293 -10.02 -6.50 -16.75
CA ASP B 293 -10.25 -7.38 -17.91
C ASP B 293 -11.09 -8.60 -17.51
N LYS B 294 -11.24 -8.81 -16.21
CA LYS B 294 -11.90 -10.01 -15.69
C LYS B 294 -13.30 -9.74 -15.13
N VAL B 295 -13.43 -8.70 -14.32
CA VAL B 295 -14.65 -8.49 -13.54
C VAL B 295 -15.83 -7.97 -14.37
N SER B 296 -17.03 -8.42 -14.00
CA SER B 296 -18.25 -8.05 -14.71
C SER B 296 -18.95 -6.84 -14.12
N ALA B 297 -18.60 -6.51 -12.87
CA ALA B 297 -19.11 -5.33 -12.19
C ALA B 297 -18.17 -4.95 -11.05
N ILE B 298 -18.25 -3.70 -10.62
CA ILE B 298 -17.49 -3.19 -9.47
C ILE B 298 -18.45 -2.57 -8.47
N ILE B 299 -18.29 -2.92 -7.20
CA ILE B 299 -18.99 -2.25 -6.11
C ILE B 299 -17.99 -1.38 -5.36
N LEU B 300 -18.25 -0.08 -5.34
CA LEU B 300 -17.46 0.84 -4.52
C LEU B 300 -18.22 1.12 -3.24
N GLY B 301 -17.64 0.73 -2.11
CA GLY B 301 -18.19 1.12 -0.81
C GLY B 301 -18.02 2.62 -0.65
N LYS B 302 -18.93 3.24 0.10
CA LYS B 302 -18.79 4.67 0.39
C LYS B 302 -17.44 4.92 1.06
N HIS B 303 -16.72 5.92 0.55
CA HIS B 303 -15.38 6.23 1.05
C HIS B 303 -15.48 7.24 2.19
N GLU B 304 -15.10 6.81 3.38
CA GLU B 304 -15.14 7.67 4.57
C GLU B 304 -14.17 8.83 4.44
N LEU B 305 -14.70 10.06 4.44
CA LEU B 305 -13.89 11.29 4.44
C LEU B 305 -12.80 11.28 3.38
N PHE B 306 -13.21 11.01 2.13
CA PHE B 306 -12.34 11.08 0.98
C PHE B 306 -11.76 12.48 0.83
N ASP B 307 -10.44 12.55 0.58
CA ASP B 307 -9.75 13.82 0.41
C ASP B 307 -9.47 14.04 -1.07
N CYS B 308 -10.27 14.91 -1.69
CA CYS B 308 -10.19 15.17 -3.13
C CYS B 308 -9.08 16.15 -3.52
N ALA B 309 -8.35 16.65 -2.52
CA ALA B 309 -7.26 17.61 -2.73
C ALA B 309 -7.71 18.90 -3.43
N GLY B 310 -8.98 19.25 -3.24
CA GLY B 310 -9.55 20.46 -3.83
C GLY B 310 -10.08 20.29 -5.25
N SER B 311 -9.89 19.10 -5.82
CA SER B 311 -10.31 18.81 -7.19
C SER B 311 -11.83 18.66 -7.34
N LYS B 312 -12.50 18.38 -6.22
CA LYS B 312 -13.94 18.10 -6.17
C LYS B 312 -14.34 16.83 -6.92
N ARG B 313 -13.35 16.02 -7.27
CA ARG B 313 -13.58 14.75 -7.95
C ARG B 313 -13.93 13.66 -6.94
N ARG B 314 -14.80 12.75 -7.36
CA ARG B 314 -15.16 11.58 -6.55
C ARG B 314 -14.37 10.36 -7.04
N PRO B 315 -14.26 9.32 -6.19
CA PRO B 315 -13.52 8.13 -6.61
C PRO B 315 -13.97 7.52 -7.94
N TYR B 316 -15.28 7.57 -8.23
CA TYR B 316 -15.80 7.02 -9.49
C TYR B 316 -15.18 7.70 -10.72
N GLU B 317 -14.98 9.02 -10.64
CA GLU B 317 -14.35 9.77 -11.72
C GLU B 317 -12.91 9.31 -11.96
N VAL B 318 -12.19 9.06 -10.87
CA VAL B 318 -10.81 8.56 -10.94
C VAL B 318 -10.79 7.16 -11.56
N LEU B 319 -11.71 6.31 -11.11
CA LEU B 319 -11.85 4.96 -11.67
C LEU B 319 -12.10 5.02 -13.18
N THR B 320 -12.98 5.93 -13.59
CA THR B 320 -13.30 6.11 -15.00
C THR B 320 -12.07 6.45 -15.84
N GLU B 321 -11.20 7.34 -15.35
CA GLU B 321 -9.97 7.64 -16.07
C GLU B 321 -9.07 6.42 -16.17
N VAL B 322 -8.88 5.73 -15.05
CA VAL B 322 -8.03 4.54 -14.99
C VAL B 322 -8.53 3.45 -15.94
N LEU B 323 -9.85 3.29 -16.02
CA LEU B 323 -10.47 2.27 -16.88
C LEU B 323 -10.16 2.44 -18.37
N ASP B 324 -9.87 3.67 -18.78
CA ASP B 324 -9.43 3.98 -20.14
C ASP B 324 -10.37 3.40 -21.21
N GLY B 325 -11.67 3.65 -21.03
CA GLY B 325 -12.68 3.22 -22.01
C GLY B 325 -13.28 1.85 -21.77
N LYS B 326 -12.71 1.08 -20.85
CA LYS B 326 -13.26 -0.23 -20.49
C LYS B 326 -14.60 -0.04 -19.79
N GLN B 327 -15.66 -0.54 -20.42
CA GLN B 327 -17.01 -0.38 -19.89
C GLN B 327 -17.32 -1.47 -18.88
N ILE B 328 -17.37 -1.07 -17.61
CA ILE B 328 -17.75 -1.96 -16.51
C ILE B 328 -18.81 -1.25 -15.68
N PRO B 329 -19.96 -1.91 -15.47
CA PRO B 329 -20.97 -1.28 -14.63
C PRO B 329 -20.52 -1.18 -13.17
N VAL B 330 -20.85 -0.06 -12.54
CA VAL B 330 -20.36 0.24 -11.19
C VAL B 330 -21.51 0.63 -10.26
N LEU B 331 -21.59 -0.07 -9.13
CA LEU B 331 -22.43 0.37 -8.03
C LEU B 331 -21.57 1.27 -7.15
N ASP B 332 -21.80 2.58 -7.25
CA ASP B 332 -20.99 3.55 -6.52
C ASP B 332 -21.69 4.01 -5.25
N GLY B 333 -21.17 3.56 -4.11
CA GLY B 333 -21.65 4.03 -2.81
C GLY B 333 -22.44 3.02 -2.01
N PHE B 334 -22.07 1.75 -2.11
CA PHE B 334 -22.70 0.70 -1.31
C PHE B 334 -22.34 0.91 0.16
N ASP B 335 -23.32 0.72 1.04
CA ASP B 335 -23.15 0.98 2.47
C ASP B 335 -22.52 -0.21 3.18
N CYS B 336 -21.33 -0.58 2.74
CA CYS B 336 -20.57 -1.65 3.37
C CYS B 336 -19.11 -1.21 3.36
N SER B 337 -18.76 -0.39 4.33
CA SER B 337 -17.48 0.30 4.37
C SER B 337 -17.26 0.89 5.76
N HIS B 338 -16.45 1.95 5.82
CA HIS B 338 -16.17 2.64 7.09
C HIS B 338 -17.26 3.64 7.47
N THR B 339 -18.20 3.91 6.57
CA THR B 339 -19.30 4.83 6.86
C THR B 339 -20.38 4.15 7.72
N HIS B 340 -21.18 4.96 8.40
CA HIS B 340 -22.28 4.47 9.22
C HIS B 340 -23.61 4.85 8.59
N PRO B 341 -24.59 3.92 8.57
CA PRO B 341 -24.53 2.55 9.09
C PRO B 341 -23.82 1.61 8.12
N MET B 342 -23.52 0.41 8.58
CA MET B 342 -22.81 -0.56 7.79
C MET B 342 -23.63 -1.83 7.61
N LEU B 343 -23.74 -2.27 6.37
CA LEU B 343 -24.41 -3.53 6.05
C LEU B 343 -23.43 -4.69 6.13
N THR B 344 -23.97 -5.90 6.33
CA THR B 344 -23.16 -7.12 6.39
C THR B 344 -23.20 -7.82 5.03
N LEU B 345 -22.03 -8.18 4.52
CA LEU B 345 -21.88 -8.77 3.20
C LEU B 345 -21.04 -10.06 3.22
N PRO B 346 -21.64 -11.19 2.79
CA PRO B 346 -20.82 -12.39 2.63
C PRO B 346 -19.90 -12.25 1.43
N LEU B 347 -18.65 -12.68 1.60
CA LEU B 347 -17.66 -12.63 0.53
C LEU B 347 -17.41 -14.02 -0.04
N GLY B 348 -17.33 -14.10 -1.37
CA GLY B 348 -17.06 -15.36 -2.04
C GLY B 348 -18.29 -16.10 -2.53
N VAL B 349 -19.45 -15.45 -2.45
CA VAL B 349 -20.70 -16.00 -2.99
C VAL B 349 -21.27 -15.09 -4.06
N LYS B 350 -22.20 -15.61 -4.86
CA LYS B 350 -22.82 -14.85 -5.93
C LYS B 350 -23.76 -13.76 -5.42
N LEU B 351 -23.59 -12.57 -6.01
CA LEU B 351 -24.52 -11.47 -5.85
C LEU B 351 -25.12 -11.15 -7.20
N ALA B 352 -26.30 -10.53 -7.21
CA ALA B 352 -26.87 -9.97 -8.41
C ALA B 352 -27.14 -8.49 -8.21
N ILE B 353 -26.52 -7.66 -9.05
CA ILE B 353 -26.79 -6.24 -9.04
C ILE B 353 -27.72 -5.92 -10.21
N ASP B 354 -28.89 -5.39 -9.89
CA ASP B 354 -29.82 -4.95 -10.91
C ASP B 354 -29.64 -3.44 -11.08
N PHE B 355 -28.96 -3.07 -12.16
CA PHE B 355 -28.67 -1.66 -12.44
C PHE B 355 -29.87 -0.86 -12.93
N ASP B 356 -30.87 -1.56 -13.50
CA ASP B 356 -32.11 -0.94 -13.94
C ASP B 356 -33.02 -0.62 -12.75
N ASN B 357 -33.16 -1.58 -11.84
CA ASN B 357 -34.04 -1.43 -10.69
C ASN B 357 -33.34 -0.91 -9.44
N LYS B 358 -32.03 -0.65 -9.57
CA LYS B 358 -31.22 -0.05 -8.51
C LYS B 358 -31.28 -0.85 -7.20
N ASN B 359 -30.98 -2.14 -7.29
CA ASN B 359 -30.86 -2.97 -6.10
C ASN B 359 -29.75 -4.00 -6.20
N ILE B 360 -29.43 -4.61 -5.06
CA ILE B 360 -28.36 -5.61 -4.98
C ILE B 360 -28.83 -6.75 -4.09
N SER B 361 -28.58 -7.97 -4.54
CA SER B 361 -29.07 -9.17 -3.86
C SER B 361 -28.00 -10.23 -3.70
N ILE B 362 -28.12 -11.01 -2.63
CA ILE B 362 -27.32 -12.23 -2.47
C ILE B 362 -28.14 -13.36 -3.09
N THR B 363 -27.53 -14.11 -4.00
CA THR B 363 -28.24 -15.16 -4.74
C THR B 363 -27.75 -16.58 -4.45
N GLU B 364 -26.69 -16.69 -3.65
CA GLU B 364 -26.11 -17.98 -3.30
C GLU B 364 -26.11 -18.18 -1.79
N GLN B 365 -26.42 -19.41 -1.36
CA GLN B 365 -26.39 -19.79 0.04
C GLN B 365 -25.02 -19.49 0.65
N TYR B 366 -25.02 -18.85 1.81
CA TYR B 366 -23.78 -18.39 2.45
C TYR B 366 -23.60 -18.89 3.88
N LEU B 367 -24.66 -19.48 4.44
CA LEU B 367 -24.60 -20.14 5.74
C LEU B 367 -25.34 -21.47 5.65
N SER B 368 -25.00 -22.39 6.55
CA SER B 368 -25.66 -23.70 6.63
C SER B 368 -27.14 -23.57 6.99
C2 GSU C . 9.62 19.10 3.97
S GSU C . 8.49 12.40 -2.78
N GSU C . 6.98 9.57 -0.10
CA GSU C . 7.30 8.99 -1.39
CB GSU C . 6.15 8.10 -1.85
CG GSU C . 6.29 6.68 -1.30
CD GSU C . 5.60 6.60 0.04
OE1 GSU C . 6.23 6.95 1.05
OE2 GSU C . 4.43 6.18 0.08
C GSU C . 7.55 10.09 -2.39
O GSU C . 7.23 9.93 -3.56
N10 GSU C . 8.15 11.19 -1.92
O1S GSU C . 7.29 12.96 -3.34
O2S GSU C . 9.38 12.01 -3.84
O5' GSU C . 9.24 13.52 -1.85
C5' GSU C . 10.64 13.46 -1.68
C4' GSU C . 11.08 14.19 -0.41
O4' GSU C . 10.55 15.52 -0.37
C1' GSU C . 10.28 15.84 0.99
N9 GSU C . 9.21 16.88 1.11
C4 GSU C . 9.14 17.81 2.07
N3 GSU C . 9.92 18.09 3.14
N1 GSU C . 8.52 19.86 3.75
C6 GSU C . 7.70 19.61 2.71
N6 GSU C . 6.61 20.38 2.50
C5 GSU C . 8.00 18.57 1.84
N7 GSU C . 7.41 18.08 0.72
C8 GSU C . 8.16 17.04 0.28
C2' GSU C . 9.89 14.55 1.67
O2' GSU C . 10.32 14.56 3.04
C3' GSU C . 10.62 13.49 0.86
O3' GSU C . 11.76 13.01 1.57
C2 GSU D . -12.68 9.06 15.22
S GSU D . -9.78 0.70 11.69
N GSU D . -8.14 2.42 8.26
CA GSU D . -8.29 0.98 8.13
CB GSU D . -7.01 0.39 7.55
CG GSU D . -7.04 0.39 6.02
CD GSU D . -6.51 1.71 5.51
OE1 GSU D . -7.27 2.69 5.49
OE2 GSU D . -5.31 1.76 5.14
C GSU D . -8.60 0.36 9.48
O GSU D . -8.17 -0.75 9.75
N10 GSU D . -9.35 1.11 10.28
O1S GSU D . -8.63 0.59 12.54
O2S GSU D . -10.50 -0.55 11.64
O5' GSU D . -10.80 1.84 12.27
C5' GSU D . -12.20 1.72 12.03
C4' GSU D . -12.88 3.08 12.13
O4' GSU D . -12.62 3.69 13.40
C1' GSU D . -12.51 5.10 13.21
N9 GSU D . -11.63 5.72 14.24
C4 GSU D . -11.80 6.93 14.75
N3 GSU D . -12.74 7.90 14.54
N1 GSU D . -11.70 9.29 16.10
C6 GSU D . -10.75 8.36 16.35
N6 GSU D . -9.77 8.61 17.25
C5 GSU D . -10.79 7.16 15.67
N7 GSU D . -10.01 6.05 15.68
C8 GSU D . -10.54 5.17 14.80
C2' GSU D . -11.94 5.30 11.81
O2' GSU D . -12.48 6.48 11.23
C3' GSU D . -12.37 4.06 11.06
O3' GSU D . -13.44 4.35 10.16
C1 EDO E . -14.01 2.99 -2.49
O1 EDO E . -14.34 3.43 -1.16
C2 EDO E . -13.67 4.20 -3.36
O2 EDO E . -12.40 4.73 -2.96
#